data_3IM3
# 
_entry.id   3IM3 
# 
_audit_conform.dict_name       mmcif_pdbx.dic 
_audit_conform.dict_version    5.399 
_audit_conform.dict_location   http://mmcif.pdb.org/dictionaries/ascii/mmcif_pdbx.dic 
# 
loop_
_database_2.database_id 
_database_2.database_code 
_database_2.pdbx_database_accession 
_database_2.pdbx_DOI 
PDB   3IM3         pdb_00003im3 10.2210/pdb3im3/pdb 
RCSB  RCSB054581   ?            ?                   
WWPDB D_1000054581 ?            ?                   
# 
loop_
_pdbx_audit_revision_history.ordinal 
_pdbx_audit_revision_history.data_content_type 
_pdbx_audit_revision_history.major_revision 
_pdbx_audit_revision_history.minor_revision 
_pdbx_audit_revision_history.revision_date 
1 'Structure model' 1 0 2010-02-02 
2 'Structure model' 1 1 2011-07-13 
3 'Structure model' 1 2 2021-04-07 
4 'Structure model' 1 3 2024-11-20 
# 
_pdbx_audit_revision_details.ordinal             1 
_pdbx_audit_revision_details.revision_ordinal    1 
_pdbx_audit_revision_details.data_content_type   'Structure model' 
_pdbx_audit_revision_details.provider            repository 
_pdbx_audit_revision_details.type                'Initial release' 
_pdbx_audit_revision_details.description         ? 
_pdbx_audit_revision_details.details             ? 
# 
loop_
_pdbx_audit_revision_group.ordinal 
_pdbx_audit_revision_group.revision_ordinal 
_pdbx_audit_revision_group.data_content_type 
_pdbx_audit_revision_group.group 
1 2 'Structure model' 'Version format compliance' 
2 3 'Structure model' 'Derived calculations'      
3 4 'Structure model' 'Data collection'           
4 4 'Structure model' 'Database references'       
5 4 'Structure model' 'Structure summary'         
# 
loop_
_pdbx_audit_revision_category.ordinal 
_pdbx_audit_revision_category.revision_ordinal 
_pdbx_audit_revision_category.data_content_type 
_pdbx_audit_revision_category.category 
1 3 'Structure model' struct_site               
2 4 'Structure model' chem_comp_atom            
3 4 'Structure model' chem_comp_bond            
4 4 'Structure model' database_2                
5 4 'Structure model' pdbx_entry_details        
6 4 'Structure model' pdbx_modification_feature 
# 
loop_
_pdbx_audit_revision_item.ordinal 
_pdbx_audit_revision_item.revision_ordinal 
_pdbx_audit_revision_item.data_content_type 
_pdbx_audit_revision_item.item 
1 3 'Structure model' '_struct_site.pdbx_auth_asym_id'      
2 3 'Structure model' '_struct_site.pdbx_auth_comp_id'      
3 3 'Structure model' '_struct_site.pdbx_auth_seq_id'       
4 4 'Structure model' '_database_2.pdbx_DOI'                
5 4 'Structure model' '_database_2.pdbx_database_accession' 
# 
_pdbx_database_status.status_code                     REL 
_pdbx_database_status.entry_id                        3IM3 
_pdbx_database_status.recvd_initial_deposition_date   2009-08-09 
_pdbx_database_status.deposit_site                    RCSB 
_pdbx_database_status.process_site                    RCSB 
_pdbx_database_status.status_code_sf                  REL 
_pdbx_database_status.status_code_mr                  ? 
_pdbx_database_status.SG_entry                        ? 
_pdbx_database_status.pdb_format_compatible           Y 
_pdbx_database_status.status_code_cs                  ? 
_pdbx_database_status.status_code_nmr_data            ? 
_pdbx_database_status.methods_development_category    ? 
# 
_pdbx_database_related.db_name        PDB 
_pdbx_database_related.db_id          3IM4 
_pdbx_database_related.details        
;Crystal structure of cAMP-dependent Protein Kinase A Regulatory Subunit I alpha in complex with dual-specific A-Kinase Anchoring Protein 2
;
_pdbx_database_related.content_type   unspecified 
# 
loop_
_audit_author.name 
_audit_author.pdbx_ordinal 
'Sarma, G.N.'     1 
'Kinderman, F.S.' 2 
'Kim, C.'         3 
'von Daake, S.'   4 
'Taylor, S.S.'    5 
# 
_citation.id                        primary 
_citation.title                     'Structure of D-AKAP2:PKA RI Complex: Insights into AKAP Specificity and Selectivity' 
_citation.journal_abbrev            Structure 
_citation.journal_volume            18 
_citation.page_first                155 
_citation.page_last                 166 
_citation.year                      2010 
_citation.journal_id_ASTM           STRUE6 
_citation.country                   UK 
_citation.journal_id_ISSN           0969-2126 
_citation.journal_id_CSD            2005 
_citation.book_publisher            ? 
_citation.pdbx_database_id_PubMed   20159461 
_citation.pdbx_database_id_DOI      10.1016/j.str.2009.12.012 
# 
loop_
_citation_author.citation_id 
_citation_author.name 
_citation_author.ordinal 
_citation_author.identifier_ORCID 
primary 'Sarma, G.N.'     1 ? 
primary 'Kinderman, F.S.' 2 ? 
primary 'Kim, C.'         3 ? 
primary 'von Daake, S.'   4 ? 
primary 'Chen, L.'        5 ? 
primary 'Wang, B.C.'      6 ? 
primary 'Taylor, S.S.'    7 ? 
# 
loop_
_entity.id 
_entity.type 
_entity.src_method 
_entity.pdbx_description 
_entity.formula_weight 
_entity.pdbx_number_of_molecules 
_entity.pdbx_ec 
_entity.pdbx_mutation 
_entity.pdbx_fragment 
_entity.details 
1 polymer     man 'cAMP-dependent protein kinase type I-alpha regulatory subunit' 6005.980 1  ? ? 
'Dimerization and docking domain: UNP residues 13-62' ? 
2 non-polymer syn 'FORMIC ACID'                                                   46.025   2  ? ? ? ? 
3 water       nat water                                                           18.015   29 ? ? ? ? 
# 
_entity_poly.entity_id                      1 
_entity_poly.type                           'polypeptide(L)' 
_entity_poly.nstd_linkage                   no 
_entity_poly.nstd_monomer                   no 
_entity_poly.pdbx_seq_one_letter_code       SLRECELYVQKHNIQALLKDSIVQLCTARPERPMAFLREYFEKLEKEEAK 
_entity_poly.pdbx_seq_one_letter_code_can   SLRECELYVQKHNIQALLKDSIVQLCTARPERPMAFLREYFEKLEKEEAK 
_entity_poly.pdbx_strand_id                 A 
_entity_poly.pdbx_target_identifier         ? 
# 
loop_
_pdbx_entity_nonpoly.entity_id 
_pdbx_entity_nonpoly.name 
_pdbx_entity_nonpoly.comp_id 
2 'FORMIC ACID' FMT 
3 water         HOH 
# 
loop_
_entity_poly_seq.entity_id 
_entity_poly_seq.num 
_entity_poly_seq.mon_id 
_entity_poly_seq.hetero 
1 1  SER n 
1 2  LEU n 
1 3  ARG n 
1 4  GLU n 
1 5  CYS n 
1 6  GLU n 
1 7  LEU n 
1 8  TYR n 
1 9  VAL n 
1 10 GLN n 
1 11 LYS n 
1 12 HIS n 
1 13 ASN n 
1 14 ILE n 
1 15 GLN n 
1 16 ALA n 
1 17 LEU n 
1 18 LEU n 
1 19 LYS n 
1 20 ASP n 
1 21 SER n 
1 22 ILE n 
1 23 VAL n 
1 24 GLN n 
1 25 LEU n 
1 26 CYS n 
1 27 THR n 
1 28 ALA n 
1 29 ARG n 
1 30 PRO n 
1 31 GLU n 
1 32 ARG n 
1 33 PRO n 
1 34 MET n 
1 35 ALA n 
1 36 PHE n 
1 37 LEU n 
1 38 ARG n 
1 39 GLU n 
1 40 TYR n 
1 41 PHE n 
1 42 GLU n 
1 43 LYS n 
1 44 LEU n 
1 45 GLU n 
1 46 LYS n 
1 47 GLU n 
1 48 GLU n 
1 49 ALA n 
1 50 LYS n 
# 
_entity_src_gen.entity_id                          1 
_entity_src_gen.pdbx_src_id                        1 
_entity_src_gen.pdbx_alt_source_flag               sample 
_entity_src_gen.pdbx_seq_type                      ? 
_entity_src_gen.pdbx_beg_seq_num                   ? 
_entity_src_gen.pdbx_end_seq_num                   ? 
_entity_src_gen.gene_src_common_name               bovine 
_entity_src_gen.gene_src_genus                     ? 
_entity_src_gen.pdbx_gene_src_gene                 PRKAR1A 
_entity_src_gen.gene_src_species                   ? 
_entity_src_gen.gene_src_strain                    ? 
_entity_src_gen.gene_src_tissue                    ? 
_entity_src_gen.gene_src_tissue_fraction           ? 
_entity_src_gen.gene_src_details                   ? 
_entity_src_gen.pdbx_gene_src_fragment             ? 
_entity_src_gen.pdbx_gene_src_scientific_name      'Bos taurus' 
_entity_src_gen.pdbx_gene_src_ncbi_taxonomy_id     9913 
_entity_src_gen.pdbx_gene_src_variant              ? 
_entity_src_gen.pdbx_gene_src_cell_line            ? 
_entity_src_gen.pdbx_gene_src_atcc                 ? 
_entity_src_gen.pdbx_gene_src_organ                ? 
_entity_src_gen.pdbx_gene_src_organelle            ? 
_entity_src_gen.pdbx_gene_src_cell                 ? 
_entity_src_gen.pdbx_gene_src_cellular_location    ? 
_entity_src_gen.host_org_common_name               ? 
_entity_src_gen.pdbx_host_org_scientific_name      'Escherichia coli' 
_entity_src_gen.pdbx_host_org_ncbi_taxonomy_id     562 
_entity_src_gen.host_org_genus                     ? 
_entity_src_gen.pdbx_host_org_gene                 ? 
_entity_src_gen.pdbx_host_org_organ                ? 
_entity_src_gen.host_org_species                   ? 
_entity_src_gen.pdbx_host_org_tissue               ? 
_entity_src_gen.pdbx_host_org_tissue_fraction      ? 
_entity_src_gen.pdbx_host_org_strain               'BL21(DE3)' 
_entity_src_gen.pdbx_host_org_variant              ? 
_entity_src_gen.pdbx_host_org_cell_line            ? 
_entity_src_gen.pdbx_host_org_atcc                 ? 
_entity_src_gen.pdbx_host_org_culture_collection   ? 
_entity_src_gen.pdbx_host_org_cell                 ? 
_entity_src_gen.pdbx_host_org_organelle            ? 
_entity_src_gen.pdbx_host_org_cellular_location    ? 
_entity_src_gen.pdbx_host_org_vector_type          plasmid 
_entity_src_gen.pdbx_host_org_vector               ? 
_entity_src_gen.host_org_details                   ? 
_entity_src_gen.expression_system_id               ? 
_entity_src_gen.plasmid_name                       'pRSET C' 
_entity_src_gen.plasmid_details                    ? 
_entity_src_gen.pdbx_description                   ? 
# 
loop_
_chem_comp.id 
_chem_comp.type 
_chem_comp.mon_nstd_flag 
_chem_comp.name 
_chem_comp.pdbx_synonyms 
_chem_comp.formula 
_chem_comp.formula_weight 
ALA 'L-peptide linking' y ALANINE         ? 'C3 H7 N O2'     89.093  
ARG 'L-peptide linking' y ARGININE        ? 'C6 H15 N4 O2 1' 175.209 
ASN 'L-peptide linking' y ASPARAGINE      ? 'C4 H8 N2 O3'    132.118 
ASP 'L-peptide linking' y 'ASPARTIC ACID' ? 'C4 H7 N O4'     133.103 
CYS 'L-peptide linking' y CYSTEINE        ? 'C3 H7 N O2 S'   121.158 
FMT non-polymer         . 'FORMIC ACID'   ? 'C H2 O2'        46.025  
GLN 'L-peptide linking' y GLUTAMINE       ? 'C5 H10 N2 O3'   146.144 
GLU 'L-peptide linking' y 'GLUTAMIC ACID' ? 'C5 H9 N O4'     147.129 
HIS 'L-peptide linking' y HISTIDINE       ? 'C6 H10 N3 O2 1' 156.162 
HOH non-polymer         . WATER           ? 'H2 O'           18.015  
ILE 'L-peptide linking' y ISOLEUCINE      ? 'C6 H13 N O2'    131.173 
LEU 'L-peptide linking' y LEUCINE         ? 'C6 H13 N O2'    131.173 
LYS 'L-peptide linking' y LYSINE          ? 'C6 H15 N2 O2 1' 147.195 
MET 'L-peptide linking' y METHIONINE      ? 'C5 H11 N O2 S'  149.211 
PHE 'L-peptide linking' y PHENYLALANINE   ? 'C9 H11 N O2'    165.189 
PRO 'L-peptide linking' y PROLINE         ? 'C5 H9 N O2'     115.130 
SER 'L-peptide linking' y SERINE          ? 'C3 H7 N O3'     105.093 
THR 'L-peptide linking' y THREONINE       ? 'C4 H9 N O3'     119.119 
TYR 'L-peptide linking' y TYROSINE        ? 'C9 H11 N O3'    181.189 
VAL 'L-peptide linking' y VALINE          ? 'C5 H11 N O2'    117.146 
# 
loop_
_pdbx_poly_seq_scheme.asym_id 
_pdbx_poly_seq_scheme.entity_id 
_pdbx_poly_seq_scheme.seq_id 
_pdbx_poly_seq_scheme.mon_id 
_pdbx_poly_seq_scheme.ndb_seq_num 
_pdbx_poly_seq_scheme.pdb_seq_num 
_pdbx_poly_seq_scheme.auth_seq_num 
_pdbx_poly_seq_scheme.pdb_mon_id 
_pdbx_poly_seq_scheme.auth_mon_id 
_pdbx_poly_seq_scheme.pdb_strand_id 
_pdbx_poly_seq_scheme.pdb_ins_code 
_pdbx_poly_seq_scheme.hetero 
A 1 1  SER 1  12 12 SER SER A . n 
A 1 2  LEU 2  13 13 LEU LEU A . n 
A 1 3  ARG 3  14 14 ARG ARG A . n 
A 1 4  GLU 4  15 15 GLU GLU A . n 
A 1 5  CYS 5  16 16 CYS CYS A . n 
A 1 6  GLU 6  17 17 GLU GLU A . n 
A 1 7  LEU 7  18 18 LEU LEU A . n 
A 1 8  TYR 8  19 19 TYR TYR A . n 
A 1 9  VAL 9  20 20 VAL VAL A . n 
A 1 10 GLN 10 21 21 GLN GLN A . n 
A 1 11 LYS 11 22 22 LYS LYS A . n 
A 1 12 HIS 12 23 23 HIS HIS A . n 
A 1 13 ASN 13 24 24 ASN ASN A . n 
A 1 14 ILE 14 25 25 ILE ILE A . n 
A 1 15 GLN 15 26 26 GLN GLN A . n 
A 1 16 ALA 16 27 27 ALA ALA A . n 
A 1 17 LEU 17 28 28 LEU LEU A . n 
A 1 18 LEU 18 29 29 LEU LEU A . n 
A 1 19 LYS 19 30 30 LYS LYS A . n 
A 1 20 ASP 20 31 31 ASP ASP A . n 
A 1 21 SER 21 32 32 SER SER A . n 
A 1 22 ILE 22 33 33 ILE ILE A . n 
A 1 23 VAL 23 34 34 VAL VAL A . n 
A 1 24 GLN 24 35 35 GLN GLN A . n 
A 1 25 LEU 25 36 36 LEU LEU A . n 
A 1 26 CYS 26 37 37 CYS CYS A . n 
A 1 27 THR 27 38 38 THR THR A . n 
A 1 28 ALA 28 39 39 ALA ALA A . n 
A 1 29 ARG 29 40 40 ARG ARG A . n 
A 1 30 PRO 30 41 41 PRO PRO A . n 
A 1 31 GLU 31 42 42 GLU GLU A . n 
A 1 32 ARG 32 43 43 ARG ARG A . n 
A 1 33 PRO 33 44 44 PRO PRO A . n 
A 1 34 MET 34 45 45 MET MET A . n 
A 1 35 ALA 35 46 46 ALA ALA A . n 
A 1 36 PHE 36 47 47 PHE PHE A . n 
A 1 37 LEU 37 48 48 LEU LEU A . n 
A 1 38 ARG 38 49 49 ARG ARG A . n 
A 1 39 GLU 39 50 50 GLU GLU A . n 
A 1 40 TYR 40 51 51 TYR TYR A . n 
A 1 41 PHE 41 52 52 PHE PHE A . n 
A 1 42 GLU 42 53 53 GLU GLU A . n 
A 1 43 LYS 43 54 54 LYS LYS A . n 
A 1 44 LEU 44 55 55 LEU LEU A . n 
A 1 45 GLU 45 56 56 GLU GLU A . n 
A 1 46 LYS 46 57 57 LYS LYS A . n 
A 1 47 GLU 47 58 58 GLU GLU A . n 
A 1 48 GLU 48 59 59 GLU GLU A . n 
A 1 49 ALA 49 60 60 ALA ALA A . n 
A 1 50 LYS 50 61 61 LYS LYS A . n 
# 
loop_
_pdbx_nonpoly_scheme.asym_id 
_pdbx_nonpoly_scheme.entity_id 
_pdbx_nonpoly_scheme.mon_id 
_pdbx_nonpoly_scheme.ndb_seq_num 
_pdbx_nonpoly_scheme.pdb_seq_num 
_pdbx_nonpoly_scheme.auth_seq_num 
_pdbx_nonpoly_scheme.pdb_mon_id 
_pdbx_nonpoly_scheme.auth_mon_id 
_pdbx_nonpoly_scheme.pdb_strand_id 
_pdbx_nonpoly_scheme.pdb_ins_code 
B 2 FMT 1  81  101 FMT FMT A . 
C 2 FMT 1  82  102 FMT FMT A . 
D 3 HOH 1  101 1   HOH HOH A . 
D 3 HOH 2  102 2   HOH HOH A . 
D 3 HOH 3  103 3   HOH HOH A . 
D 3 HOH 4  104 4   HOH HOH A . 
D 3 HOH 5  105 5   HOH HOH A . 
D 3 HOH 6  106 6   HOH HOH A . 
D 3 HOH 7  107 7   HOH HOH A . 
D 3 HOH 8  108 8   HOH HOH A . 
D 3 HOH 9  109 9   HOH HOH A . 
D 3 HOH 10 110 10  HOH HOH A . 
D 3 HOH 11 111 11  HOH HOH A . 
D 3 HOH 12 112 12  HOH HOH A . 
D 3 HOH 13 113 13  HOH HOH A . 
D 3 HOH 14 114 14  HOH HOH A . 
D 3 HOH 15 115 15  HOH HOH A . 
D 3 HOH 16 116 16  HOH HOH A . 
D 3 HOH 17 117 17  HOH HOH A . 
D 3 HOH 18 118 18  HOH HOH A . 
D 3 HOH 19 119 19  HOH HOH A . 
D 3 HOH 20 120 20  HOH HOH A . 
D 3 HOH 21 121 21  HOH HOH A . 
D 3 HOH 22 122 22  HOH HOH A . 
D 3 HOH 23 123 23  HOH HOH A . 
D 3 HOH 24 124 24  HOH HOH A . 
D 3 HOH 25 125 25  HOH HOH A . 
D 3 HOH 26 126 26  HOH HOH A . 
D 3 HOH 27 127 27  HOH HOH A . 
D 3 HOH 28 128 28  HOH HOH A . 
D 3 HOH 29 129 29  HOH HOH A . 
# 
loop_
_software.name 
_software.classification 
_software.version 
_software.citation_id 
_software.pdbx_ordinal 
HKL-2000 'data collection' . ? 1 
SOLVE    phasing           . ? 2 
PHENIX   refinement        . ? 3 
HKL-2000 'data reduction'  . ? 4 
HKL-2000 'data scaling'    . ? 5 
# 
_cell.entry_id           3IM3 
_cell.length_a           44.122 
_cell.length_b           44.122 
_cell.length_c           93.036 
_cell.angle_alpha        90.00 
_cell.angle_beta         90.00 
_cell.angle_gamma        120.00 
_cell.Z_PDB              12 
_cell.pdbx_unique_axis   ? 
_cell.length_a_esd       ? 
_cell.length_b_esd       ? 
_cell.length_c_esd       ? 
_cell.angle_alpha_esd    ? 
_cell.angle_beta_esd     ? 
_cell.angle_gamma_esd    ? 
# 
_symmetry.entry_id                         3IM3 
_symmetry.space_group_name_H-M             'P 62 2 2' 
_symmetry.pdbx_full_space_group_name_H-M   ? 
_symmetry.cell_setting                     ? 
_symmetry.Int_Tables_number                180 
_symmetry.space_group_name_Hall            ? 
# 
_exptl.entry_id          3IM3 
_exptl.method            'X-RAY DIFFRACTION' 
_exptl.crystals_number   1 
# 
_exptl_crystal.id                    1 
_exptl_crystal.density_meas          ? 
_exptl_crystal.density_Matthews      2.18 
_exptl_crystal.density_percent_sol   43.48 
_exptl_crystal.description           ? 
_exptl_crystal.F_000                 ? 
_exptl_crystal.preparation           ? 
# 
_exptl_crystal_grow.crystal_id      1 
_exptl_crystal_grow.method          MICROBATCH 
_exptl_crystal_grow.temp            298 
_exptl_crystal_grow.temp_details    ? 
_exptl_crystal_grow.pH              9.0 
_exptl_crystal_grow.pdbx_details    
'30% PEG 3350, 0.2 mM Sodium formate, 0.1 M Bis-Tris propane pH 9.0, MICROBATCH, temperature 298K' 
_exptl_crystal_grow.pdbx_pH_range   ? 
# 
_diffrn.id                     1 
_diffrn.ambient_temp           193 
_diffrn.ambient_temp_details   ? 
_diffrn.crystal_id             1 
# 
_diffrn_detector.diffrn_id              1 
_diffrn_detector.detector               CCD 
_diffrn_detector.type                   'MARMOSAIC 225 mm CCD' 
_diffrn_detector.pdbx_collection_date   2008-12-01 
_diffrn_detector.details                ? 
# 
_diffrn_radiation.diffrn_id                        1 
_diffrn_radiation.wavelength_id                    1 
_diffrn_radiation.pdbx_monochromatic_or_laue_m_l   M 
_diffrn_radiation.monochromator                    'Si(111)' 
_diffrn_radiation.pdbx_diffrn_protocol             'SINGLE WAVELENGTH' 
_diffrn_radiation.pdbx_scattering_type             x-ray 
# 
_diffrn_radiation_wavelength.id           1 
_diffrn_radiation_wavelength.wavelength   1.0000 
_diffrn_radiation_wavelength.wt           1.0 
# 
_diffrn_source.diffrn_id                   1 
_diffrn_source.source                      SYNCHROTRON 
_diffrn_source.type                        'APS BEAMLINE 22-BM' 
_diffrn_source.pdbx_synchrotron_site       APS 
_diffrn_source.pdbx_synchrotron_beamline   22-BM 
_diffrn_source.pdbx_wavelength             ? 
_diffrn_source.pdbx_wavelength_list        1.0000 
# 
_reflns.entry_id                     3IM3 
_reflns.observed_criterion_sigma_I   1.0 
_reflns.observed_criterion_sigma_F   ? 
_reflns.d_resolution_low             50.0 
_reflns.d_resolution_high            2.00 
_reflns.number_obs                   4047 
_reflns.number_all                   ? 
_reflns.percent_possible_obs         99.8 
_reflns.pdbx_Rmerge_I_obs            ? 
_reflns.pdbx_Rsym_value              ? 
_reflns.pdbx_netI_over_sigmaI        ? 
_reflns.B_iso_Wilson_estimate        ? 
_reflns.pdbx_redundancy              36.9 
_reflns.R_free_details               ? 
_reflns.limit_h_max                  ? 
_reflns.limit_h_min                  ? 
_reflns.limit_k_max                  ? 
_reflns.limit_k_min                  ? 
_reflns.limit_l_max                  ? 
_reflns.limit_l_min                  ? 
_reflns.observed_criterion_F_max     ? 
_reflns.observed_criterion_F_min     ? 
_reflns.pdbx_chi_squared             ? 
_reflns.pdbx_scaling_rejects         ? 
_reflns.pdbx_diffrn_id               1 
_reflns.pdbx_ordinal                 1 
# 
_reflns_shell.d_res_high             2.00 
_reflns_shell.d_res_low              2.07 
_reflns_shell.percent_possible_all   100 
_reflns_shell.Rmerge_I_obs           ? 
_reflns_shell.pdbx_Rsym_value        ? 
_reflns_shell.meanI_over_sigI_obs    ? 
_reflns_shell.pdbx_redundancy        27.6 
_reflns_shell.percent_possible_obs   ? 
_reflns_shell.number_unique_all      ? 
_reflns_shell.number_measured_all    ? 
_reflns_shell.number_measured_obs    ? 
_reflns_shell.number_unique_obs      ? 
_reflns_shell.pdbx_chi_squared       ? 
_reflns_shell.pdbx_diffrn_id         ? 
_reflns_shell.pdbx_ordinal           1 
# 
_refine.entry_id                                 3IM3 
_refine.ls_number_reflns_obs                     3929 
_refine.ls_number_reflns_all                     3929 
_refine.pdbx_ls_sigma_I                          ? 
_refine.pdbx_ls_sigma_F                          0.0 
_refine.pdbx_data_cutoff_high_absF               ? 
_refine.pdbx_data_cutoff_low_absF                ? 
_refine.pdbx_data_cutoff_high_rms_absF           ? 
_refine.ls_d_res_low                             24.0811 
_refine.ls_d_res_high                            2.000 
_refine.ls_percent_reflns_obs                    97.71 
_refine.ls_R_factor_obs                          0.1930 
_refine.ls_R_factor_all                          0.1930 
_refine.ls_R_factor_R_work                       0.1871 
_refine.ls_R_factor_R_free                       0.2488 
_refine.ls_R_factor_R_free_error                 ? 
_refine.ls_R_factor_R_free_error_details         ? 
_refine.ls_percent_reflns_R_free                 9.85 
_refine.ls_number_reflns_R_free                  387 
_refine.ls_number_parameters                     ? 
_refine.ls_number_restraints                     ? 
_refine.occupancy_min                            ? 
_refine.occupancy_max                            ? 
_refine.correlation_coeff_Fo_to_Fc               ? 
_refine.correlation_coeff_Fo_to_Fc_free          ? 
_refine.B_iso_mean                               ? 
_refine.aniso_B[1][1]                            ? 
_refine.aniso_B[2][2]                            ? 
_refine.aniso_B[3][3]                            ? 
_refine.aniso_B[1][2]                            ? 
_refine.aniso_B[1][3]                            ? 
_refine.aniso_B[2][3]                            ? 
_refine.solvent_model_details                    'FLAT BULK SOLVENT MODEL' 
_refine.solvent_model_param_ksol                 0.351 
_refine.solvent_model_param_bsol                 81.312 
_refine.pdbx_solvent_vdw_probe_radii             1.11 
_refine.pdbx_solvent_ion_probe_radii             ? 
_refine.pdbx_solvent_shrinkage_radii             0.90 
_refine.pdbx_ls_cross_valid_method               ? 
_refine.details                                  ? 
_refine.pdbx_starting_model                      ? 
_refine.pdbx_method_to_determine_struct          SAD 
_refine.pdbx_isotropic_thermal_model             ? 
_refine.pdbx_stereochemistry_target_values       'MAXIMUM LIKELIHOOD' 
_refine.pdbx_stereochem_target_val_spec_case     ? 
_refine.pdbx_R_Free_selection_details            Random 
_refine.pdbx_overall_ESU_R                       ? 
_refine.pdbx_overall_ESU_R_Free                  ? 
_refine.overall_SU_ML                            0.26 
_refine.overall_SU_B                             ? 
_refine.ls_redundancy_reflns_obs                 ? 
_refine.B_iso_min                                ? 
_refine.B_iso_max                                ? 
_refine.overall_SU_R_Cruickshank_DPI             ? 
_refine.overall_SU_R_free                        ? 
_refine.ls_wR_factor_R_free                      ? 
_refine.ls_wR_factor_R_work                      ? 
_refine.overall_FOM_free_R_set                   ? 
_refine.overall_FOM_work_R_set                   ? 
_refine.pdbx_overall_phase_error                 ? 
_refine.pdbx_refine_id                           'X-RAY DIFFRACTION' 
_refine.pdbx_diffrn_id                           1 
_refine.pdbx_TLS_residual_ADP_flag               ? 
_refine.pdbx_overall_SU_R_free_Cruickshank_DPI   ? 
_refine.pdbx_overall_SU_R_Blow_DPI               ? 
_refine.pdbx_overall_SU_R_free_Blow_DPI          ? 
# 
_refine_hist.pdbx_refine_id                   'X-RAY DIFFRACTION' 
_refine_hist.cycle_id                         LAST 
_refine_hist.pdbx_number_atoms_protein        428 
_refine_hist.pdbx_number_atoms_nucleic_acid   0 
_refine_hist.pdbx_number_atoms_ligand         6 
_refine_hist.number_atoms_solvent             29 
_refine_hist.number_atoms_total               463 
_refine_hist.d_res_high                       2.000 
_refine_hist.d_res_low                        24.0811 
# 
loop_
_refine_ls_restr.type 
_refine_ls_restr.dev_ideal 
_refine_ls_restr.dev_ideal_target 
_refine_ls_restr.weight 
_refine_ls_restr.number 
_refine_ls_restr.pdbx_refine_id 
_refine_ls_restr.pdbx_restraint_function 
f_bond_d           0.006  ? ? 441 'X-RAY DIFFRACTION' ? 
f_angle_d          0.835  ? ? 588 'X-RAY DIFFRACTION' ? 
f_dihedral_angle_d 14.452 ? ? 178 'X-RAY DIFFRACTION' ? 
f_chiral_restr     0.055  ? ? 64  'X-RAY DIFFRACTION' ? 
f_plane_restr      0.004  ? ? 76  'X-RAY DIFFRACTION' ? 
# 
loop_
_refine_ls_shell.pdbx_total_number_of_bins_used 
_refine_ls_shell.d_res_high 
_refine_ls_shell.d_res_low 
_refine_ls_shell.number_reflns_R_work 
_refine_ls_shell.R_factor_R_work 
_refine_ls_shell.percent_reflns_obs 
_refine_ls_shell.R_factor_R_free 
_refine_ls_shell.R_factor_R_free_error 
_refine_ls_shell.percent_reflns_R_free 
_refine_ls_shell.number_reflns_R_free 
_refine_ls_shell.number_reflns_all 
_refine_ls_shell.R_factor_all 
_refine_ls_shell.number_reflns_obs 
_refine_ls_shell.redundancy_reflns_obs 
_refine_ls_shell.pdbx_refine_id 
. 2.000  2.2894  1113 0.1841 96.00  0.2484 . . 120 . . . . 'X-RAY DIFFRACTION' 
. 2.2894 2.8836  1147 0.1699 98.00  0.2729 . . 127 . . . . 'X-RAY DIFFRACTION' 
. 2.8836 24.0811 1282 0.1933 100.00 0.2384 . . 140 . . . . 'X-RAY DIFFRACTION' 
# 
_struct.entry_id                  3IM3 
_struct.title                     'Crystal structure of PKA RI alpha dimerization/docking domain' 
_struct.pdbx_model_details        ? 
_struct.pdbx_CASP_flag            ? 
_struct.pdbx_model_type_details   ? 
# 
_struct_keywords.entry_id        3IM3 
_struct_keywords.pdbx_keywords   'STRUCTURAL PROTEIN, SIGNALING PROTEIN' 
_struct_keywords.text            
;helix-turn-helix, Acetylation, cAMP, cAMP-binding, Disulfide bond, Nucleotide-binding, Phosphoprotein, STRUCTURAL PROTEIN, SIGNALING PROTEIN
;
# 
loop_
_struct_asym.id 
_struct_asym.pdbx_blank_PDB_chainid_flag 
_struct_asym.pdbx_modified 
_struct_asym.entity_id 
_struct_asym.details 
A N N 1 ? 
B N N 2 ? 
C N N 2 ? 
D N N 3 ? 
# 
_struct_ref.id                         1 
_struct_ref.db_name                    UNP 
_struct_ref.db_code                    KAP0_BOVIN 
_struct_ref.pdbx_db_accession          P00514 
_struct_ref.entity_id                  1 
_struct_ref.pdbx_seq_one_letter_code   SLRECELYVQKHNIQALLKDSIVQLCTARPERPMAFLREYFEKLEKEEAK 
_struct_ref.pdbx_align_begin           13 
_struct_ref.pdbx_db_isoform            ? 
# 
_struct_ref_seq.align_id                      1 
_struct_ref_seq.ref_id                        1 
_struct_ref_seq.pdbx_PDB_id_code              3IM3 
_struct_ref_seq.pdbx_strand_id                A 
_struct_ref_seq.seq_align_beg                 1 
_struct_ref_seq.pdbx_seq_align_beg_ins_code   ? 
_struct_ref_seq.seq_align_end                 50 
_struct_ref_seq.pdbx_seq_align_end_ins_code   ? 
_struct_ref_seq.pdbx_db_accession             P00514 
_struct_ref_seq.db_align_beg                  13 
_struct_ref_seq.pdbx_db_align_beg_ins_code    ? 
_struct_ref_seq.db_align_end                  62 
_struct_ref_seq.pdbx_db_align_end_ins_code    ? 
_struct_ref_seq.pdbx_auth_seq_align_beg       12 
_struct_ref_seq.pdbx_auth_seq_align_end       61 
# 
_pdbx_struct_assembly.id                   1 
_pdbx_struct_assembly.details              author_and_software_defined_assembly 
_pdbx_struct_assembly.method_details       PISA 
_pdbx_struct_assembly.oligomeric_details   dimeric 
_pdbx_struct_assembly.oligomeric_count     2 
# 
loop_
_pdbx_struct_assembly_prop.biol_id 
_pdbx_struct_assembly_prop.type 
_pdbx_struct_assembly_prop.value 
_pdbx_struct_assembly_prop.details 
1 'ABSA (A^2)' 2450  ? 
1 MORE         -27.0 ? 
1 'SSA (A^2)'  7370  ? 
# 
_pdbx_struct_assembly_gen.assembly_id       1 
_pdbx_struct_assembly_gen.oper_expression   1,2 
_pdbx_struct_assembly_gen.asym_id_list      A,B,C,D 
# 
loop_
_pdbx_struct_oper_list.id 
_pdbx_struct_oper_list.type 
_pdbx_struct_oper_list.name 
_pdbx_struct_oper_list.symmetry_operation 
_pdbx_struct_oper_list.matrix[1][1] 
_pdbx_struct_oper_list.matrix[1][2] 
_pdbx_struct_oper_list.matrix[1][3] 
_pdbx_struct_oper_list.vector[1] 
_pdbx_struct_oper_list.matrix[2][1] 
_pdbx_struct_oper_list.matrix[2][2] 
_pdbx_struct_oper_list.matrix[2][3] 
_pdbx_struct_oper_list.vector[2] 
_pdbx_struct_oper_list.matrix[3][1] 
_pdbx_struct_oper_list.matrix[3][2] 
_pdbx_struct_oper_list.matrix[3][3] 
_pdbx_struct_oper_list.vector[3] 
1 'identity operation'         1_555 x,y,z     1.0000000000 0.0000000000 0.0000000000 0.0000000000 0.0000000000 1.0000000000  0.0000000000 0.0000000000  0.0000000000 0.0000000000 1.0000000000  0.0000000000  
2 'crystal symmetry operation' 4_655 -x+1,-y,z 0.4127396470 0.8772720703 0.2450299949 3.6790106886 0.8772720703 -0.4552384178 0.1521568191 -4.1701343857 0.2450299949 0.1521568191 -0.9575012292 -6.2814425480 
# 
_struct_biol.id        1 
_struct_biol.details   ? 
# 
loop_
_struct_conf.conf_type_id 
_struct_conf.id 
_struct_conf.pdbx_PDB_helix_id 
_struct_conf.beg_label_comp_id 
_struct_conf.beg_label_asym_id 
_struct_conf.beg_label_seq_id 
_struct_conf.pdbx_beg_PDB_ins_code 
_struct_conf.end_label_comp_id 
_struct_conf.end_label_asym_id 
_struct_conf.end_label_seq_id 
_struct_conf.pdbx_end_PDB_ins_code 
_struct_conf.beg_auth_comp_id 
_struct_conf.beg_auth_asym_id 
_struct_conf.beg_auth_seq_id 
_struct_conf.end_auth_comp_id 
_struct_conf.end_auth_asym_id 
_struct_conf.end_auth_seq_id 
_struct_conf.pdbx_PDB_helix_class 
_struct_conf.details 
_struct_conf.pdbx_PDB_helix_length 
HELX_P HELX_P1 1 LEU A 2  ? GLN A 10 ? LEU A 13 GLN A 21 1 ? 9  
HELX_P HELX_P2 2 ILE A 14 ? THR A 27 ? ILE A 25 THR A 38 1 ? 14 
HELX_P HELX_P3 3 PRO A 33 ? ALA A 49 ? PRO A 44 ALA A 60 1 ? 17 
# 
_struct_conf_type.id          HELX_P 
_struct_conf_type.criteria    ? 
_struct_conf_type.reference   ? 
# 
_struct_conn.id                            disulf1 
_struct_conn.conn_type_id                  disulf 
_struct_conn.pdbx_leaving_atom_flag        ? 
_struct_conn.pdbx_PDB_id                   ? 
_struct_conn.ptnr1_label_asym_id           A 
_struct_conn.ptnr1_label_comp_id           CYS 
_struct_conn.ptnr1_label_seq_id            5 
_struct_conn.ptnr1_label_atom_id           SG 
_struct_conn.pdbx_ptnr1_label_alt_id       A 
_struct_conn.pdbx_ptnr1_PDB_ins_code       ? 
_struct_conn.pdbx_ptnr1_standard_comp_id   ? 
_struct_conn.ptnr1_symmetry                1_555 
_struct_conn.ptnr2_label_asym_id           A 
_struct_conn.ptnr2_label_comp_id           CYS 
_struct_conn.ptnr2_label_seq_id            26 
_struct_conn.ptnr2_label_atom_id           SG 
_struct_conn.pdbx_ptnr2_label_alt_id       ? 
_struct_conn.pdbx_ptnr2_PDB_ins_code       ? 
_struct_conn.ptnr1_auth_asym_id            A 
_struct_conn.ptnr1_auth_comp_id            CYS 
_struct_conn.ptnr1_auth_seq_id             16 
_struct_conn.ptnr2_auth_asym_id            A 
_struct_conn.ptnr2_auth_comp_id            CYS 
_struct_conn.ptnr2_auth_seq_id             37 
_struct_conn.ptnr2_symmetry                4_655 
_struct_conn.pdbx_ptnr3_label_atom_id      ? 
_struct_conn.pdbx_ptnr3_label_seq_id       ? 
_struct_conn.pdbx_ptnr3_label_comp_id      ? 
_struct_conn.pdbx_ptnr3_label_asym_id      ? 
_struct_conn.pdbx_ptnr3_label_alt_id       ? 
_struct_conn.pdbx_ptnr3_PDB_ins_code       ? 
_struct_conn.details                       ? 
_struct_conn.pdbx_dist_value               2.040 
_struct_conn.pdbx_value_order              ? 
_struct_conn.pdbx_role                     ? 
# 
_struct_conn_type.id          disulf 
_struct_conn_type.criteria    ? 
_struct_conn_type.reference   ? 
# 
_pdbx_modification_feature.ordinal                            1 
_pdbx_modification_feature.label_comp_id                      CYS 
_pdbx_modification_feature.label_asym_id                      A 
_pdbx_modification_feature.label_seq_id                       5 
_pdbx_modification_feature.label_alt_id                       A 
_pdbx_modification_feature.modified_residue_label_comp_id     CYS 
_pdbx_modification_feature.modified_residue_label_asym_id     A 
_pdbx_modification_feature.modified_residue_label_seq_id      26 
_pdbx_modification_feature.modified_residue_label_alt_id      ? 
_pdbx_modification_feature.auth_comp_id                       CYS 
_pdbx_modification_feature.auth_asym_id                       A 
_pdbx_modification_feature.auth_seq_id                        16 
_pdbx_modification_feature.PDB_ins_code                       ? 
_pdbx_modification_feature.symmetry                           1_555 
_pdbx_modification_feature.modified_residue_auth_comp_id      CYS 
_pdbx_modification_feature.modified_residue_auth_asym_id      A 
_pdbx_modification_feature.modified_residue_auth_seq_id       37 
_pdbx_modification_feature.modified_residue_PDB_ins_code      ? 
_pdbx_modification_feature.modified_residue_symmetry          4_655 
_pdbx_modification_feature.comp_id_linking_atom               SG 
_pdbx_modification_feature.modified_residue_id_linking_atom   SG 
_pdbx_modification_feature.modified_residue_id                . 
_pdbx_modification_feature.ref_pcm_id                         . 
_pdbx_modification_feature.ref_comp_id                        . 
_pdbx_modification_feature.type                               None 
_pdbx_modification_feature.category                           'Disulfide bridge' 
# 
loop_
_struct_site.id 
_struct_site.pdbx_evidence_code 
_struct_site.pdbx_auth_asym_id 
_struct_site.pdbx_auth_comp_id 
_struct_site.pdbx_auth_seq_id 
_struct_site.pdbx_auth_ins_code 
_struct_site.pdbx_num_residues 
_struct_site.details 
AC1 Software A FMT 81 ? 1 'BINDING SITE FOR RESIDUE FMT A 81' 
AC2 Software A FMT 82 ? 7 'BINDING SITE FOR RESIDUE FMT A 82' 
# 
loop_
_struct_site_gen.id 
_struct_site_gen.site_id 
_struct_site_gen.pdbx_num_res 
_struct_site_gen.label_comp_id 
_struct_site_gen.label_asym_id 
_struct_site_gen.label_seq_id 
_struct_site_gen.pdbx_auth_ins_code 
_struct_site_gen.auth_comp_id 
_struct_site_gen.auth_asym_id 
_struct_site_gen.auth_seq_id 
_struct_site_gen.label_atom_id 
_struct_site_gen.label_alt_id 
_struct_site_gen.symmetry 
_struct_site_gen.details 
1 AC1 1 LYS A 19 ? LYS A 30  . ? 8_555 ? 
2 AC2 7 SER A 1  ? SER A 12  . ? 1_555 ? 
3 AC2 7 LEU A 2  ? LEU A 13  . ? 1_555 ? 
4 AC2 7 ARG A 3  ? ARG A 14  . ? 1_555 ? 
5 AC2 7 ARG A 38 ? ARG A 49  . ? 6_555 ? 
6 AC2 7 HOH D .  ? HOH A 102 . ? 8_555 ? 
7 AC2 7 HOH D .  ? HOH A 107 . ? 1_555 ? 
8 AC2 7 HOH D .  ? HOH A 115 . ? 1_555 ? 
# 
_pdbx_entry_details.entry_id                   3IM3 
_pdbx_entry_details.compound_details           ? 
_pdbx_entry_details.source_details             ? 
_pdbx_entry_details.nonpolymer_details         ? 
_pdbx_entry_details.sequence_details           ? 
_pdbx_entry_details.has_ligand_of_interest     ? 
_pdbx_entry_details.has_protein_modification   Y 
# 
_pdbx_struct_special_symmetry.id              1 
_pdbx_struct_special_symmetry.PDB_model_num   1 
_pdbx_struct_special_symmetry.auth_asym_id    A 
_pdbx_struct_special_symmetry.auth_comp_id    HOH 
_pdbx_struct_special_symmetry.auth_seq_id     118 
_pdbx_struct_special_symmetry.PDB_ins_code    ? 
_pdbx_struct_special_symmetry.label_asym_id   D 
_pdbx_struct_special_symmetry.label_comp_id   HOH 
_pdbx_struct_special_symmetry.label_seq_id    . 
# 
_pdbx_refine_tls.pdbx_refine_id   'X-RAY DIFFRACTION' 
_pdbx_refine_tls.id               1 
_pdbx_refine_tls.details          ? 
_pdbx_refine_tls.method           refined 
_pdbx_refine_tls.origin_x         0.2569 
_pdbx_refine_tls.origin_y         0.1485 
_pdbx_refine_tls.origin_z         0.1370 
_pdbx_refine_tls.T[1][1]          0.1708 
_pdbx_refine_tls.T[2][2]          0.2437 
_pdbx_refine_tls.T[3][3]          0.2151 
_pdbx_refine_tls.T[1][2]          0.0317 
_pdbx_refine_tls.T[1][3]          0.0357 
_pdbx_refine_tls.T[2][3]          -0.0439 
_pdbx_refine_tls.L[1][1]          2.1768 
_pdbx_refine_tls.L[2][2]          1.9630 
_pdbx_refine_tls.L[3][3]          1.4844 
_pdbx_refine_tls.L[1][2]          -0.5609 
_pdbx_refine_tls.L[1][3]          1.4840 
_pdbx_refine_tls.L[2][3]          -0.2702 
_pdbx_refine_tls.S[1][1]          -0.1087 
_pdbx_refine_tls.S[1][2]          -0.4045 
_pdbx_refine_tls.S[1][3]          0.1739 
_pdbx_refine_tls.S[2][1]          0.1563 
_pdbx_refine_tls.S[2][2]          0.1647 
_pdbx_refine_tls.S[2][3]          0.1255 
_pdbx_refine_tls.S[3][1]          -0.0615 
_pdbx_refine_tls.S[3][2]          -0.3188 
_pdbx_refine_tls.S[3][3]          0.0118 
# 
_pdbx_refine_tls_group.pdbx_refine_id      'X-RAY DIFFRACTION' 
_pdbx_refine_tls_group.id                  1 
_pdbx_refine_tls_group.refine_tls_id       1 
_pdbx_refine_tls_group.beg_auth_asym_id    ? 
_pdbx_refine_tls_group.beg_auth_seq_id     ? 
_pdbx_refine_tls_group.beg_label_asym_id   ? 
_pdbx_refine_tls_group.beg_label_seq_id    ? 
_pdbx_refine_tls_group.end_auth_asym_id    ? 
_pdbx_refine_tls_group.end_auth_seq_id     ? 
_pdbx_refine_tls_group.end_label_asym_id   ? 
_pdbx_refine_tls_group.end_label_seq_id    ? 
_pdbx_refine_tls_group.selection           ? 
_pdbx_refine_tls_group.selection_details   'chain A' 
# 
loop_
_chem_comp_atom.comp_id 
_chem_comp_atom.atom_id 
_chem_comp_atom.type_symbol 
_chem_comp_atom.pdbx_aromatic_flag 
_chem_comp_atom.pdbx_stereo_config 
_chem_comp_atom.pdbx_ordinal 
ALA N    N N N 1   
ALA CA   C N S 2   
ALA C    C N N 3   
ALA O    O N N 4   
ALA CB   C N N 5   
ALA OXT  O N N 6   
ALA H    H N N 7   
ALA H2   H N N 8   
ALA HA   H N N 9   
ALA HB1  H N N 10  
ALA HB2  H N N 11  
ALA HB3  H N N 12  
ALA HXT  H N N 13  
ARG N    N N N 14  
ARG CA   C N S 15  
ARG C    C N N 16  
ARG O    O N N 17  
ARG CB   C N N 18  
ARG CG   C N N 19  
ARG CD   C N N 20  
ARG NE   N N N 21  
ARG CZ   C N N 22  
ARG NH1  N N N 23  
ARG NH2  N N N 24  
ARG OXT  O N N 25  
ARG H    H N N 26  
ARG H2   H N N 27  
ARG HA   H N N 28  
ARG HB2  H N N 29  
ARG HB3  H N N 30  
ARG HG2  H N N 31  
ARG HG3  H N N 32  
ARG HD2  H N N 33  
ARG HD3  H N N 34  
ARG HE   H N N 35  
ARG HH11 H N N 36  
ARG HH12 H N N 37  
ARG HH21 H N N 38  
ARG HH22 H N N 39  
ARG HXT  H N N 40  
ASN N    N N N 41  
ASN CA   C N S 42  
ASN C    C N N 43  
ASN O    O N N 44  
ASN CB   C N N 45  
ASN CG   C N N 46  
ASN OD1  O N N 47  
ASN ND2  N N N 48  
ASN OXT  O N N 49  
ASN H    H N N 50  
ASN H2   H N N 51  
ASN HA   H N N 52  
ASN HB2  H N N 53  
ASN HB3  H N N 54  
ASN HD21 H N N 55  
ASN HD22 H N N 56  
ASN HXT  H N N 57  
ASP N    N N N 58  
ASP CA   C N S 59  
ASP C    C N N 60  
ASP O    O N N 61  
ASP CB   C N N 62  
ASP CG   C N N 63  
ASP OD1  O N N 64  
ASP OD2  O N N 65  
ASP OXT  O N N 66  
ASP H    H N N 67  
ASP H2   H N N 68  
ASP HA   H N N 69  
ASP HB2  H N N 70  
ASP HB3  H N N 71  
ASP HD2  H N N 72  
ASP HXT  H N N 73  
CYS N    N N N 74  
CYS CA   C N R 75  
CYS C    C N N 76  
CYS O    O N N 77  
CYS CB   C N N 78  
CYS SG   S N N 79  
CYS OXT  O N N 80  
CYS H    H N N 81  
CYS H2   H N N 82  
CYS HA   H N N 83  
CYS HB2  H N N 84  
CYS HB3  H N N 85  
CYS HG   H N N 86  
CYS HXT  H N N 87  
FMT C    C N N 88  
FMT O1   O N N 89  
FMT O2   O N N 90  
FMT H    H N N 91  
FMT HO2  H N N 92  
GLN N    N N N 93  
GLN CA   C N S 94  
GLN C    C N N 95  
GLN O    O N N 96  
GLN CB   C N N 97  
GLN CG   C N N 98  
GLN CD   C N N 99  
GLN OE1  O N N 100 
GLN NE2  N N N 101 
GLN OXT  O N N 102 
GLN H    H N N 103 
GLN H2   H N N 104 
GLN HA   H N N 105 
GLN HB2  H N N 106 
GLN HB3  H N N 107 
GLN HG2  H N N 108 
GLN HG3  H N N 109 
GLN HE21 H N N 110 
GLN HE22 H N N 111 
GLN HXT  H N N 112 
GLU N    N N N 113 
GLU CA   C N S 114 
GLU C    C N N 115 
GLU O    O N N 116 
GLU CB   C N N 117 
GLU CG   C N N 118 
GLU CD   C N N 119 
GLU OE1  O N N 120 
GLU OE2  O N N 121 
GLU OXT  O N N 122 
GLU H    H N N 123 
GLU H2   H N N 124 
GLU HA   H N N 125 
GLU HB2  H N N 126 
GLU HB3  H N N 127 
GLU HG2  H N N 128 
GLU HG3  H N N 129 
GLU HE2  H N N 130 
GLU HXT  H N N 131 
HIS N    N N N 132 
HIS CA   C N S 133 
HIS C    C N N 134 
HIS O    O N N 135 
HIS CB   C N N 136 
HIS CG   C Y N 137 
HIS ND1  N Y N 138 
HIS CD2  C Y N 139 
HIS CE1  C Y N 140 
HIS NE2  N Y N 141 
HIS OXT  O N N 142 
HIS H    H N N 143 
HIS H2   H N N 144 
HIS HA   H N N 145 
HIS HB2  H N N 146 
HIS HB3  H N N 147 
HIS HD1  H N N 148 
HIS HD2  H N N 149 
HIS HE1  H N N 150 
HIS HE2  H N N 151 
HIS HXT  H N N 152 
HOH O    O N N 153 
HOH H1   H N N 154 
HOH H2   H N N 155 
ILE N    N N N 156 
ILE CA   C N S 157 
ILE C    C N N 158 
ILE O    O N N 159 
ILE CB   C N S 160 
ILE CG1  C N N 161 
ILE CG2  C N N 162 
ILE CD1  C N N 163 
ILE OXT  O N N 164 
ILE H    H N N 165 
ILE H2   H N N 166 
ILE HA   H N N 167 
ILE HB   H N N 168 
ILE HG12 H N N 169 
ILE HG13 H N N 170 
ILE HG21 H N N 171 
ILE HG22 H N N 172 
ILE HG23 H N N 173 
ILE HD11 H N N 174 
ILE HD12 H N N 175 
ILE HD13 H N N 176 
ILE HXT  H N N 177 
LEU N    N N N 178 
LEU CA   C N S 179 
LEU C    C N N 180 
LEU O    O N N 181 
LEU CB   C N N 182 
LEU CG   C N N 183 
LEU CD1  C N N 184 
LEU CD2  C N N 185 
LEU OXT  O N N 186 
LEU H    H N N 187 
LEU H2   H N N 188 
LEU HA   H N N 189 
LEU HB2  H N N 190 
LEU HB3  H N N 191 
LEU HG   H N N 192 
LEU HD11 H N N 193 
LEU HD12 H N N 194 
LEU HD13 H N N 195 
LEU HD21 H N N 196 
LEU HD22 H N N 197 
LEU HD23 H N N 198 
LEU HXT  H N N 199 
LYS N    N N N 200 
LYS CA   C N S 201 
LYS C    C N N 202 
LYS O    O N N 203 
LYS CB   C N N 204 
LYS CG   C N N 205 
LYS CD   C N N 206 
LYS CE   C N N 207 
LYS NZ   N N N 208 
LYS OXT  O N N 209 
LYS H    H N N 210 
LYS H2   H N N 211 
LYS HA   H N N 212 
LYS HB2  H N N 213 
LYS HB3  H N N 214 
LYS HG2  H N N 215 
LYS HG3  H N N 216 
LYS HD2  H N N 217 
LYS HD3  H N N 218 
LYS HE2  H N N 219 
LYS HE3  H N N 220 
LYS HZ1  H N N 221 
LYS HZ2  H N N 222 
LYS HZ3  H N N 223 
LYS HXT  H N N 224 
MET N    N N N 225 
MET CA   C N S 226 
MET C    C N N 227 
MET O    O N N 228 
MET CB   C N N 229 
MET CG   C N N 230 
MET SD   S N N 231 
MET CE   C N N 232 
MET OXT  O N N 233 
MET H    H N N 234 
MET H2   H N N 235 
MET HA   H N N 236 
MET HB2  H N N 237 
MET HB3  H N N 238 
MET HG2  H N N 239 
MET HG3  H N N 240 
MET HE1  H N N 241 
MET HE2  H N N 242 
MET HE3  H N N 243 
MET HXT  H N N 244 
PHE N    N N N 245 
PHE CA   C N S 246 
PHE C    C N N 247 
PHE O    O N N 248 
PHE CB   C N N 249 
PHE CG   C Y N 250 
PHE CD1  C Y N 251 
PHE CD2  C Y N 252 
PHE CE1  C Y N 253 
PHE CE2  C Y N 254 
PHE CZ   C Y N 255 
PHE OXT  O N N 256 
PHE H    H N N 257 
PHE H2   H N N 258 
PHE HA   H N N 259 
PHE HB2  H N N 260 
PHE HB3  H N N 261 
PHE HD1  H N N 262 
PHE HD2  H N N 263 
PHE HE1  H N N 264 
PHE HE2  H N N 265 
PHE HZ   H N N 266 
PHE HXT  H N N 267 
PRO N    N N N 268 
PRO CA   C N S 269 
PRO C    C N N 270 
PRO O    O N N 271 
PRO CB   C N N 272 
PRO CG   C N N 273 
PRO CD   C N N 274 
PRO OXT  O N N 275 
PRO H    H N N 276 
PRO HA   H N N 277 
PRO HB2  H N N 278 
PRO HB3  H N N 279 
PRO HG2  H N N 280 
PRO HG3  H N N 281 
PRO HD2  H N N 282 
PRO HD3  H N N 283 
PRO HXT  H N N 284 
SER N    N N N 285 
SER CA   C N S 286 
SER C    C N N 287 
SER O    O N N 288 
SER CB   C N N 289 
SER OG   O N N 290 
SER OXT  O N N 291 
SER H    H N N 292 
SER H2   H N N 293 
SER HA   H N N 294 
SER HB2  H N N 295 
SER HB3  H N N 296 
SER HG   H N N 297 
SER HXT  H N N 298 
THR N    N N N 299 
THR CA   C N S 300 
THR C    C N N 301 
THR O    O N N 302 
THR CB   C N R 303 
THR OG1  O N N 304 
THR CG2  C N N 305 
THR OXT  O N N 306 
THR H    H N N 307 
THR H2   H N N 308 
THR HA   H N N 309 
THR HB   H N N 310 
THR HG1  H N N 311 
THR HG21 H N N 312 
THR HG22 H N N 313 
THR HG23 H N N 314 
THR HXT  H N N 315 
TYR N    N N N 316 
TYR CA   C N S 317 
TYR C    C N N 318 
TYR O    O N N 319 
TYR CB   C N N 320 
TYR CG   C Y N 321 
TYR CD1  C Y N 322 
TYR CD2  C Y N 323 
TYR CE1  C Y N 324 
TYR CE2  C Y N 325 
TYR CZ   C Y N 326 
TYR OH   O N N 327 
TYR OXT  O N N 328 
TYR H    H N N 329 
TYR H2   H N N 330 
TYR HA   H N N 331 
TYR HB2  H N N 332 
TYR HB3  H N N 333 
TYR HD1  H N N 334 
TYR HD2  H N N 335 
TYR HE1  H N N 336 
TYR HE2  H N N 337 
TYR HH   H N N 338 
TYR HXT  H N N 339 
VAL N    N N N 340 
VAL CA   C N S 341 
VAL C    C N N 342 
VAL O    O N N 343 
VAL CB   C N N 344 
VAL CG1  C N N 345 
VAL CG2  C N N 346 
VAL OXT  O N N 347 
VAL H    H N N 348 
VAL H2   H N N 349 
VAL HA   H N N 350 
VAL HB   H N N 351 
VAL HG11 H N N 352 
VAL HG12 H N N 353 
VAL HG13 H N N 354 
VAL HG21 H N N 355 
VAL HG22 H N N 356 
VAL HG23 H N N 357 
VAL HXT  H N N 358 
# 
loop_
_chem_comp_bond.comp_id 
_chem_comp_bond.atom_id_1 
_chem_comp_bond.atom_id_2 
_chem_comp_bond.value_order 
_chem_comp_bond.pdbx_aromatic_flag 
_chem_comp_bond.pdbx_stereo_config 
_chem_comp_bond.pdbx_ordinal 
ALA N   CA   sing N N 1   
ALA N   H    sing N N 2   
ALA N   H2   sing N N 3   
ALA CA  C    sing N N 4   
ALA CA  CB   sing N N 5   
ALA CA  HA   sing N N 6   
ALA C   O    doub N N 7   
ALA C   OXT  sing N N 8   
ALA CB  HB1  sing N N 9   
ALA CB  HB2  sing N N 10  
ALA CB  HB3  sing N N 11  
ALA OXT HXT  sing N N 12  
ARG N   CA   sing N N 13  
ARG N   H    sing N N 14  
ARG N   H2   sing N N 15  
ARG CA  C    sing N N 16  
ARG CA  CB   sing N N 17  
ARG CA  HA   sing N N 18  
ARG C   O    doub N N 19  
ARG C   OXT  sing N N 20  
ARG CB  CG   sing N N 21  
ARG CB  HB2  sing N N 22  
ARG CB  HB3  sing N N 23  
ARG CG  CD   sing N N 24  
ARG CG  HG2  sing N N 25  
ARG CG  HG3  sing N N 26  
ARG CD  NE   sing N N 27  
ARG CD  HD2  sing N N 28  
ARG CD  HD3  sing N N 29  
ARG NE  CZ   sing N N 30  
ARG NE  HE   sing N N 31  
ARG CZ  NH1  sing N N 32  
ARG CZ  NH2  doub N N 33  
ARG NH1 HH11 sing N N 34  
ARG NH1 HH12 sing N N 35  
ARG NH2 HH21 sing N N 36  
ARG NH2 HH22 sing N N 37  
ARG OXT HXT  sing N N 38  
ASN N   CA   sing N N 39  
ASN N   H    sing N N 40  
ASN N   H2   sing N N 41  
ASN CA  C    sing N N 42  
ASN CA  CB   sing N N 43  
ASN CA  HA   sing N N 44  
ASN C   O    doub N N 45  
ASN C   OXT  sing N N 46  
ASN CB  CG   sing N N 47  
ASN CB  HB2  sing N N 48  
ASN CB  HB3  sing N N 49  
ASN CG  OD1  doub N N 50  
ASN CG  ND2  sing N N 51  
ASN ND2 HD21 sing N N 52  
ASN ND2 HD22 sing N N 53  
ASN OXT HXT  sing N N 54  
ASP N   CA   sing N N 55  
ASP N   H    sing N N 56  
ASP N   H2   sing N N 57  
ASP CA  C    sing N N 58  
ASP CA  CB   sing N N 59  
ASP CA  HA   sing N N 60  
ASP C   O    doub N N 61  
ASP C   OXT  sing N N 62  
ASP CB  CG   sing N N 63  
ASP CB  HB2  sing N N 64  
ASP CB  HB3  sing N N 65  
ASP CG  OD1  doub N N 66  
ASP CG  OD2  sing N N 67  
ASP OD2 HD2  sing N N 68  
ASP OXT HXT  sing N N 69  
CYS N   CA   sing N N 70  
CYS N   H    sing N N 71  
CYS N   H2   sing N N 72  
CYS CA  C    sing N N 73  
CYS CA  CB   sing N N 74  
CYS CA  HA   sing N N 75  
CYS C   O    doub N N 76  
CYS C   OXT  sing N N 77  
CYS CB  SG   sing N N 78  
CYS CB  HB2  sing N N 79  
CYS CB  HB3  sing N N 80  
CYS SG  HG   sing N N 81  
CYS OXT HXT  sing N N 82  
FMT C   O1   doub N N 83  
FMT C   O2   sing N N 84  
FMT C   H    sing N N 85  
FMT O2  HO2  sing N N 86  
GLN N   CA   sing N N 87  
GLN N   H    sing N N 88  
GLN N   H2   sing N N 89  
GLN CA  C    sing N N 90  
GLN CA  CB   sing N N 91  
GLN CA  HA   sing N N 92  
GLN C   O    doub N N 93  
GLN C   OXT  sing N N 94  
GLN CB  CG   sing N N 95  
GLN CB  HB2  sing N N 96  
GLN CB  HB3  sing N N 97  
GLN CG  CD   sing N N 98  
GLN CG  HG2  sing N N 99  
GLN CG  HG3  sing N N 100 
GLN CD  OE1  doub N N 101 
GLN CD  NE2  sing N N 102 
GLN NE2 HE21 sing N N 103 
GLN NE2 HE22 sing N N 104 
GLN OXT HXT  sing N N 105 
GLU N   CA   sing N N 106 
GLU N   H    sing N N 107 
GLU N   H2   sing N N 108 
GLU CA  C    sing N N 109 
GLU CA  CB   sing N N 110 
GLU CA  HA   sing N N 111 
GLU C   O    doub N N 112 
GLU C   OXT  sing N N 113 
GLU CB  CG   sing N N 114 
GLU CB  HB2  sing N N 115 
GLU CB  HB3  sing N N 116 
GLU CG  CD   sing N N 117 
GLU CG  HG2  sing N N 118 
GLU CG  HG3  sing N N 119 
GLU CD  OE1  doub N N 120 
GLU CD  OE2  sing N N 121 
GLU OE2 HE2  sing N N 122 
GLU OXT HXT  sing N N 123 
HIS N   CA   sing N N 124 
HIS N   H    sing N N 125 
HIS N   H2   sing N N 126 
HIS CA  C    sing N N 127 
HIS CA  CB   sing N N 128 
HIS CA  HA   sing N N 129 
HIS C   O    doub N N 130 
HIS C   OXT  sing N N 131 
HIS CB  CG   sing N N 132 
HIS CB  HB2  sing N N 133 
HIS CB  HB3  sing N N 134 
HIS CG  ND1  sing Y N 135 
HIS CG  CD2  doub Y N 136 
HIS ND1 CE1  doub Y N 137 
HIS ND1 HD1  sing N N 138 
HIS CD2 NE2  sing Y N 139 
HIS CD2 HD2  sing N N 140 
HIS CE1 NE2  sing Y N 141 
HIS CE1 HE1  sing N N 142 
HIS NE2 HE2  sing N N 143 
HIS OXT HXT  sing N N 144 
HOH O   H1   sing N N 145 
HOH O   H2   sing N N 146 
ILE N   CA   sing N N 147 
ILE N   H    sing N N 148 
ILE N   H2   sing N N 149 
ILE CA  C    sing N N 150 
ILE CA  CB   sing N N 151 
ILE CA  HA   sing N N 152 
ILE C   O    doub N N 153 
ILE C   OXT  sing N N 154 
ILE CB  CG1  sing N N 155 
ILE CB  CG2  sing N N 156 
ILE CB  HB   sing N N 157 
ILE CG1 CD1  sing N N 158 
ILE CG1 HG12 sing N N 159 
ILE CG1 HG13 sing N N 160 
ILE CG2 HG21 sing N N 161 
ILE CG2 HG22 sing N N 162 
ILE CG2 HG23 sing N N 163 
ILE CD1 HD11 sing N N 164 
ILE CD1 HD12 sing N N 165 
ILE CD1 HD13 sing N N 166 
ILE OXT HXT  sing N N 167 
LEU N   CA   sing N N 168 
LEU N   H    sing N N 169 
LEU N   H2   sing N N 170 
LEU CA  C    sing N N 171 
LEU CA  CB   sing N N 172 
LEU CA  HA   sing N N 173 
LEU C   O    doub N N 174 
LEU C   OXT  sing N N 175 
LEU CB  CG   sing N N 176 
LEU CB  HB2  sing N N 177 
LEU CB  HB3  sing N N 178 
LEU CG  CD1  sing N N 179 
LEU CG  CD2  sing N N 180 
LEU CG  HG   sing N N 181 
LEU CD1 HD11 sing N N 182 
LEU CD1 HD12 sing N N 183 
LEU CD1 HD13 sing N N 184 
LEU CD2 HD21 sing N N 185 
LEU CD2 HD22 sing N N 186 
LEU CD2 HD23 sing N N 187 
LEU OXT HXT  sing N N 188 
LYS N   CA   sing N N 189 
LYS N   H    sing N N 190 
LYS N   H2   sing N N 191 
LYS CA  C    sing N N 192 
LYS CA  CB   sing N N 193 
LYS CA  HA   sing N N 194 
LYS C   O    doub N N 195 
LYS C   OXT  sing N N 196 
LYS CB  CG   sing N N 197 
LYS CB  HB2  sing N N 198 
LYS CB  HB3  sing N N 199 
LYS CG  CD   sing N N 200 
LYS CG  HG2  sing N N 201 
LYS CG  HG3  sing N N 202 
LYS CD  CE   sing N N 203 
LYS CD  HD2  sing N N 204 
LYS CD  HD3  sing N N 205 
LYS CE  NZ   sing N N 206 
LYS CE  HE2  sing N N 207 
LYS CE  HE3  sing N N 208 
LYS NZ  HZ1  sing N N 209 
LYS NZ  HZ2  sing N N 210 
LYS NZ  HZ3  sing N N 211 
LYS OXT HXT  sing N N 212 
MET N   CA   sing N N 213 
MET N   H    sing N N 214 
MET N   H2   sing N N 215 
MET CA  C    sing N N 216 
MET CA  CB   sing N N 217 
MET CA  HA   sing N N 218 
MET C   O    doub N N 219 
MET C   OXT  sing N N 220 
MET CB  CG   sing N N 221 
MET CB  HB2  sing N N 222 
MET CB  HB3  sing N N 223 
MET CG  SD   sing N N 224 
MET CG  HG2  sing N N 225 
MET CG  HG3  sing N N 226 
MET SD  CE   sing N N 227 
MET CE  HE1  sing N N 228 
MET CE  HE2  sing N N 229 
MET CE  HE3  sing N N 230 
MET OXT HXT  sing N N 231 
PHE N   CA   sing N N 232 
PHE N   H    sing N N 233 
PHE N   H2   sing N N 234 
PHE CA  C    sing N N 235 
PHE CA  CB   sing N N 236 
PHE CA  HA   sing N N 237 
PHE C   O    doub N N 238 
PHE C   OXT  sing N N 239 
PHE CB  CG   sing N N 240 
PHE CB  HB2  sing N N 241 
PHE CB  HB3  sing N N 242 
PHE CG  CD1  doub Y N 243 
PHE CG  CD2  sing Y N 244 
PHE CD1 CE1  sing Y N 245 
PHE CD1 HD1  sing N N 246 
PHE CD2 CE2  doub Y N 247 
PHE CD2 HD2  sing N N 248 
PHE CE1 CZ   doub Y N 249 
PHE CE1 HE1  sing N N 250 
PHE CE2 CZ   sing Y N 251 
PHE CE2 HE2  sing N N 252 
PHE CZ  HZ   sing N N 253 
PHE OXT HXT  sing N N 254 
PRO N   CA   sing N N 255 
PRO N   CD   sing N N 256 
PRO N   H    sing N N 257 
PRO CA  C    sing N N 258 
PRO CA  CB   sing N N 259 
PRO CA  HA   sing N N 260 
PRO C   O    doub N N 261 
PRO C   OXT  sing N N 262 
PRO CB  CG   sing N N 263 
PRO CB  HB2  sing N N 264 
PRO CB  HB3  sing N N 265 
PRO CG  CD   sing N N 266 
PRO CG  HG2  sing N N 267 
PRO CG  HG3  sing N N 268 
PRO CD  HD2  sing N N 269 
PRO CD  HD3  sing N N 270 
PRO OXT HXT  sing N N 271 
SER N   CA   sing N N 272 
SER N   H    sing N N 273 
SER N   H2   sing N N 274 
SER CA  C    sing N N 275 
SER CA  CB   sing N N 276 
SER CA  HA   sing N N 277 
SER C   O    doub N N 278 
SER C   OXT  sing N N 279 
SER CB  OG   sing N N 280 
SER CB  HB2  sing N N 281 
SER CB  HB3  sing N N 282 
SER OG  HG   sing N N 283 
SER OXT HXT  sing N N 284 
THR N   CA   sing N N 285 
THR N   H    sing N N 286 
THR N   H2   sing N N 287 
THR CA  C    sing N N 288 
THR CA  CB   sing N N 289 
THR CA  HA   sing N N 290 
THR C   O    doub N N 291 
THR C   OXT  sing N N 292 
THR CB  OG1  sing N N 293 
THR CB  CG2  sing N N 294 
THR CB  HB   sing N N 295 
THR OG1 HG1  sing N N 296 
THR CG2 HG21 sing N N 297 
THR CG2 HG22 sing N N 298 
THR CG2 HG23 sing N N 299 
THR OXT HXT  sing N N 300 
TYR N   CA   sing N N 301 
TYR N   H    sing N N 302 
TYR N   H2   sing N N 303 
TYR CA  C    sing N N 304 
TYR CA  CB   sing N N 305 
TYR CA  HA   sing N N 306 
TYR C   O    doub N N 307 
TYR C   OXT  sing N N 308 
TYR CB  CG   sing N N 309 
TYR CB  HB2  sing N N 310 
TYR CB  HB3  sing N N 311 
TYR CG  CD1  doub Y N 312 
TYR CG  CD2  sing Y N 313 
TYR CD1 CE1  sing Y N 314 
TYR CD1 HD1  sing N N 315 
TYR CD2 CE2  doub Y N 316 
TYR CD2 HD2  sing N N 317 
TYR CE1 CZ   doub Y N 318 
TYR CE1 HE1  sing N N 319 
TYR CE2 CZ   sing Y N 320 
TYR CE2 HE2  sing N N 321 
TYR CZ  OH   sing N N 322 
TYR OH  HH   sing N N 323 
TYR OXT HXT  sing N N 324 
VAL N   CA   sing N N 325 
VAL N   H    sing N N 326 
VAL N   H2   sing N N 327 
VAL CA  C    sing N N 328 
VAL CA  CB   sing N N 329 
VAL CA  HA   sing N N 330 
VAL C   O    doub N N 331 
VAL C   OXT  sing N N 332 
VAL CB  CG1  sing N N 333 
VAL CB  CG2  sing N N 334 
VAL CB  HB   sing N N 335 
VAL CG1 HG11 sing N N 336 
VAL CG1 HG12 sing N N 337 
VAL CG1 HG13 sing N N 338 
VAL CG2 HG21 sing N N 339 
VAL CG2 HG22 sing N N 340 
VAL CG2 HG23 sing N N 341 
VAL OXT HXT  sing N N 342 
# 
_atom_sites.entry_id                    3IM3 
_atom_sites.fract_transf_matrix[1][1]   0.01380777 
_atom_sites.fract_transf_matrix[1][2]   -0.01902210 
_atom_sites.fract_transf_matrix[1][3]   -0.01150563 
_atom_sites.fract_transf_matrix[2][1]   0.00970312 
_atom_sites.fract_transf_matrix[2][2]   -0.01962929 
_atom_sites.fract_transf_matrix[2][3]   0.01433394 
_atom_sites.fract_transf_matrix[3][1]   -0.00903408 
_atom_sites.fract_transf_matrix[3][2]   -0.00560992 
_atom_sites.fract_transf_matrix[3][3]   -0.00156690 
_atom_sites.fract_transf_vector[1]      0.398793 
_atom_sites.fract_transf_vector[2]      -0.013758 
_atom_sites.fract_transf_vector[3]      -0.120979 
# 
loop_
_atom_type.symbol 
C 
N 
O 
S 
# 
loop_
_atom_site.group_PDB 
_atom_site.id 
_atom_site.type_symbol 
_atom_site.label_atom_id 
_atom_site.label_alt_id 
_atom_site.label_comp_id 
_atom_site.label_asym_id 
_atom_site.label_entity_id 
_atom_site.label_seq_id 
_atom_site.pdbx_PDB_ins_code 
_atom_site.Cartn_x 
_atom_site.Cartn_y 
_atom_site.Cartn_z 
_atom_site.occupancy 
_atom_site.B_iso_or_equiv 
_atom_site.pdbx_formal_charge 
_atom_site.auth_seq_id 
_atom_site.auth_comp_id 
_atom_site.auth_asym_id 
_atom_site.auth_atom_id 
_atom_site.pdbx_PDB_model_num 
ATOM   1   N N   . SER A 1 1  ? -2.534  -21.153 8.891   1.00 50.48  ? 12  SER A N   1 
ATOM   2   C CA  . SER A 1 1  ? -1.607  -20.463 8.003   1.00 54.22  ? 12  SER A CA  1 
ATOM   3   C C   . SER A 1 1  ? -2.325  -19.383 7.196   1.00 50.57  ? 12  SER A C   1 
ATOM   4   O O   . SER A 1 1  ? -1.845  -18.258 7.087   1.00 39.92  ? 12  SER A O   1 
ATOM   5   C CB  . SER A 1 1  ? -0.913  -21.453 7.069   1.00 63.73  ? 12  SER A CB  1 
ATOM   6   O OG  . SER A 1 1  ? 0.257   -20.885 6.500   1.00 65.38  ? 12  SER A OG  1 
ATOM   7   N N   . LEU A 1 2  ? -3.476  -19.723 6.627   1.00 46.58  ? 13  LEU A N   1 
ATOM   8   C CA  . LEU A 1 2  ? -4.260  -18.726 5.913   1.00 44.84  ? 13  LEU A CA  1 
ATOM   9   C C   . LEU A 1 2  ? -4.828  -17.713 6.893   1.00 39.56  ? 13  LEU A C   1 
ATOM   10  O O   . LEU A 1 2  ? -4.841  -16.511 6.624   1.00 33.66  ? 13  LEU A O   1 
ATOM   11  C CB  . LEU A 1 2  ? -5.400  -19.385 5.140   1.00 47.89  ? 13  LEU A CB  1 
ATOM   12  C CG  . LEU A 1 2  ? -5.042  -19.882 3.748   1.00 52.13  ? 13  LEU A CG  1 
ATOM   13  C CD1 . LEU A 1 2  ? -6.252  -20.551 3.108   1.00 57.04  ? 13  LEU A CD1 1 
ATOM   14  C CD2 . LEU A 1 2  ? -4.543  -18.716 2.909   1.00 51.77  ? 13  LEU A CD2 1 
ATOM   15  N N   . ARG A 1 3  ? -5.308  -18.211 8.028   1.00 35.61  ? 14  ARG A N   1 
ATOM   16  C CA  . ARG A 1 3  ? -5.902  -17.349 9.040   1.00 43.88  ? 14  ARG A CA  1 
ATOM   17  C C   . ARG A 1 3  ? -4.843  -16.393 9.559   1.00 40.59  ? 14  ARG A C   1 
ATOM   18  O O   . ARG A 1 3  ? -5.122  -15.231 9.841   1.00 39.84  ? 14  ARG A O   1 
ATOM   19  C CB  . ARG A 1 3  ? -6.447  -18.171 10.202  1.00 41.40  ? 14  ARG A CB  1 
ATOM   20  C CG  . ARG A 1 3  ? -6.893  -17.310 11.371  1.00 52.58  ? 14  ARG A CG  1 
ATOM   21  C CD  . ARG A 1 3  ? -6.953  -18.094 12.673  1.00 58.05  ? 14  ARG A CD  1 
ATOM   22  N NE  . ARG A 1 3  ? -8.038  -19.072 12.712  1.00 56.52  ? 14  ARG A NE  1 
ATOM   23  C CZ  . ARG A 1 3  ? -7.876  -20.375 12.509  1.00 63.59  ? 14  ARG A CZ  1 
ATOM   24  N NH1 . ARG A 1 3  ? -6.675  -20.859 12.228  1.00 66.58  ? 14  ARG A NH1 1 
ATOM   25  N NH2 . ARG A 1 3  ? -8.915  -21.197 12.588  1.00 58.76  ? 14  ARG A NH2 1 
ATOM   26  N N   . GLU A 1 4  ? -3.631  -16.923 9.695   1.00 44.85  ? 15  GLU A N   1 
ATOM   27  C CA  . GLU A 1 4  ? -2.447  -16.165 10.070  1.00 46.82  ? 15  GLU A CA  1 
ATOM   28  C C   . GLU A 1 4  ? -2.244  -14.990 9.115   1.00 35.78  ? 15  GLU A C   1 
ATOM   29  O O   . GLU A 1 4  ? -2.084  -13.847 9.535   1.00 29.73  ? 15  GLU A O   1 
ATOM   30  C CB  . GLU A 1 4  ? -1.241  -17.103 9.997   1.00 53.46  ? 15  GLU A CB  1 
ATOM   31  C CG  . GLU A 1 4  ? -0.013  -16.674 10.759  1.00 65.65  ? 15  GLU A CG  1 
ATOM   32  C CD  . GLU A 1 4  ? 0.998   -17.806 10.879  1.00 73.04  ? 15  GLU A CD  1 
ATOM   33  O OE1 . GLU A 1 4  ? 1.377   -18.145 12.021  1.00 78.09  ? 15  GLU A OE1 1 
ATOM   34  O OE2 . GLU A 1 4  ? 1.396   -18.371 9.836   1.00 72.40  ? 15  GLU A OE2 1 
ATOM   35  N N   . CYS A 1 5  ? -2.245  -15.288 7.823   1.00 33.85  ? 16  CYS A N   1 
ATOM   36  C CA  A CYS A 1 5  ? -2.050  -14.259 6.806   0.50 31.24  ? 16  CYS A CA  1 
ATOM   37  C CA  B CYS A 1 5  ? -2.056  -14.266 6.801   0.50 31.24  ? 16  CYS A CA  1 
ATOM   38  C C   . CYS A 1 5  ? -3.167  -13.229 6.852   1.00 31.67  ? 16  CYS A C   1 
ATOM   39  O O   . CYS A 1 5  ? -2.912  -12.029 6.815   1.00 31.89  ? 16  CYS A O   1 
ATOM   40  C CB  A CYS A 1 5  ? -1.981  -14.880 5.412   0.50 27.57  ? 16  CYS A CB  1 
ATOM   41  C CB  B CYS A 1 5  ? -2.015  -14.915 5.423   0.50 27.56  ? 16  CYS A CB  1 
ATOM   42  S SG  A CYS A 1 5  ? -1.835  -13.657 4.084   0.70 39.64  ? 16  CYS A SG  1 
ATOM   43  S SG  B CYS A 1 5  ? -0.696  -16.126 5.245   0.30 37.90  ? 16  CYS A SG  1 
ATOM   44  N N   . GLU A 1 6  ? -4.402  -13.716 6.931   1.00 31.95  ? 17  GLU A N   1 
ATOM   45  C CA  . GLU A 1 6  ? -5.586  -12.881 7.010   1.00 39.69  ? 17  GLU A CA  1 
ATOM   46  C C   . GLU A 1 6  ? -5.465  -11.876 8.153   1.00 34.14  ? 17  GLU A C   1 
ATOM   47  O O   . GLU A 1 6  ? -5.709  -10.684 7.970   1.00 37.01  ? 17  GLU A O   1 
ATOM   48  C CB  . GLU A 1 6  ? -6.815  -13.782 7.215   1.00 46.91  ? 17  GLU A CB  1 
ATOM   49  C CG  . GLU A 1 6  ? -8.169  -13.149 6.923   1.00 62.09  ? 17  GLU A CG  1 
ATOM   50  C CD  . GLU A 1 6  ? -9.324  -14.151 7.054   1.00 74.31  ? 17  GLU A CD  1 
ATOM   51  O OE1 . GLU A 1 6  ? -9.095  -15.278 7.552   1.00 74.58  ? 17  GLU A OE1 1 
ATOM   52  O OE2 . GLU A 1 6  ? -10.462 -13.812 6.659   1.00 76.34  ? 17  GLU A OE2 1 
ATOM   53  N N   . LEU A 1 7  ? -5.087  -12.363 9.333   1.00 33.91  ? 18  LEU A N   1 
ATOM   54  C CA  . LEU A 1 7  ? -4.929  -11.512 10.514  1.00 36.96  ? 18  LEU A CA  1 
ATOM   55  C C   . LEU A 1 7  ? -3.833  -10.463 10.331  1.00 32.94  ? 18  LEU A C   1 
ATOM   56  O O   . LEU A 1 7  ? -3.988  -9.309  10.735  1.00 32.45  ? 18  LEU A O   1 
ATOM   57  C CB  . LEU A 1 7  ? -4.615  -12.361 11.750  1.00 38.93  ? 18  LEU A CB  1 
ATOM   58  C CG  . LEU A 1 7  ? -5.709  -13.336 12.181  1.00 52.28  ? 18  LEU A CG  1 
ATOM   59  C CD1 . LEU A 1 7  ? -5.220  -14.240 13.305  1.00 57.91  ? 18  LEU A CD1 1 
ATOM   60  C CD2 . LEU A 1 7  ? -6.954  -12.577 12.595  1.00 54.64  ? 18  LEU A CD2 1 
ATOM   61  N N   . TYR A 1 8  ? -2.722  -10.870 9.735   1.00 29.04  ? 19  TYR A N   1 
ATOM   62  C CA  . TYR A 1 8  ? -1.597  -9.956  9.530   1.00 29.46  ? 19  TYR A CA  1 
ATOM   63  C C   . TYR A 1 8  ? -2.009  -8.826  8.583   1.00 28.59  ? 19  TYR A C   1 
ATOM   64  O O   . TYR A 1 8  ? -1.740  -7.659  8.833   1.00 28.90  ? 19  TYR A O   1 
ATOM   65  C CB  . TYR A 1 8  ? -0.394  -10.708 8.962   1.00 29.37  ? 19  TYR A CB  1 
ATOM   66  C CG  . TYR A 1 8  ? 0.852   -9.850  8.785   1.00 25.42  ? 19  TYR A CG  1 
ATOM   67  C CD1 . TYR A 1 8  ? 1.804   -9.749  9.799   1.00 28.60  ? 19  TYR A CD1 1 
ATOM   68  C CD2 . TYR A 1 8  ? 1.070   -9.143  7.612   1.00 28.33  ? 19  TYR A CD2 1 
ATOM   69  C CE1 . TYR A 1 8  ? 2.956   -8.959  9.637   1.00 30.20  ? 19  TYR A CE1 1 
ATOM   70  C CE2 . TYR A 1 8  ? 2.207   -8.358  7.442   1.00 32.10  ? 19  TYR A CE2 1 
ATOM   71  C CZ  . TYR A 1 8  ? 3.146   -8.270  8.457   1.00 29.84  ? 19  TYR A CZ  1 
ATOM   72  O OH  . TYR A 1 8  ? 4.269   -7.485  8.280   1.00 28.05  ? 19  TYR A OH  1 
ATOM   73  N N   . VAL A 1 9  ? -2.671  -9.192  7.494   1.00 26.29  ? 20  VAL A N   1 
ATOM   74  C CA  . VAL A 1 9  ? -3.145  -8.225  6.512   1.00 32.53  ? 20  VAL A CA  1 
ATOM   75  C C   . VAL A 1 9  ? -4.123  -7.248  7.154   1.00 35.44  ? 20  VAL A C   1 
ATOM   76  O O   . VAL A 1 9  ? -4.078  -6.041  6.902   1.00 32.75  ? 20  VAL A O   1 
ATOM   77  C CB  . VAL A 1 9  ? -3.823  -8.933  5.318   1.00 36.30  ? 20  VAL A CB  1 
ATOM   78  C CG1 . VAL A 1 9  ? -4.682  -7.954  4.522   1.00 42.05  ? 20  VAL A CG1 1 
ATOM   79  C CG2 . VAL A 1 9  ? -2.768  -9.591  4.430   1.00 31.98  ? 20  VAL A CG2 1 
ATOM   80  N N   . GLN A 1 10 ? -5.007  -7.783  7.987   1.00 36.57  ? 21  GLN A N   1 
ATOM   81  C CA  . GLN A 1 10 ? -5.978  -6.965  8.696   1.00 36.53  ? 21  GLN A CA  1 
ATOM   82  C C   . GLN A 1 10 ? -5.269  -6.032  9.677   1.00 36.10  ? 21  GLN A C   1 
ATOM   83  O O   . GLN A 1 10 ? -5.561  -4.840  9.741   1.00 33.83  ? 21  GLN A O   1 
ATOM   84  C CB  . GLN A 1 10 ? -6.981  -7.868  9.425   1.00 43.52  ? 21  GLN A CB  1 
ATOM   85  C CG  . GLN A 1 10 ? -8.045  -7.126  10.204  1.00 60.72  ? 21  GLN A CG  1 
ATOM   86  C CD  . GLN A 1 10 ? -8.991  -8.065  10.937  1.00 75.05  ? 21  GLN A CD  1 
ATOM   87  O OE1 . GLN A 1 10 ? -8.799  -9.282  10.942  1.00 79.15  ? 21  GLN A OE1 1 
ATOM   88  N NE2 . GLN A 1 10 ? -10.018 -7.500  11.559  1.00 81.45  ? 21  GLN A NE2 1 
ATOM   89  N N   . LYS A 1 11 ? -4.327  -6.579  10.437  1.00 38.62  ? 22  LYS A N   1 
ATOM   90  C CA  . LYS A 1 11 ? -3.601  -5.794  11.432  1.00 40.99  ? 22  LYS A CA  1 
ATOM   91  C C   . LYS A 1 11 ? -2.895  -4.572  10.842  1.00 41.38  ? 22  LYS A C   1 
ATOM   92  O O   . LYS A 1 11 ? -2.879  -3.501  11.449  1.00 38.53  ? 22  LYS A O   1 
ATOM   93  C CB  . LYS A 1 11 ? -2.574  -6.662  12.162  1.00 44.66  ? 22  LYS A CB  1 
ATOM   94  C CG  . LYS A 1 11 ? -1.755  -5.883  13.180  1.00 51.45  ? 22  LYS A CG  1 
ATOM   95  C CD  . LYS A 1 11 ? -0.654  -6.724  13.799  1.00 61.08  ? 22  LYS A CD  1 
ATOM   96  C CE  . LYS A 1 11 ? -0.321  -6.223  15.201  1.00 71.48  ? 22  LYS A CE  1 
ATOM   97  N NZ  . LYS A 1 11 ? -0.377  -4.735  15.302  1.00 75.68  ? 22  LYS A NZ  1 
ATOM   98  N N   . HIS A 1 12 ? -2.298  -4.738  9.666   1.00 35.30  ? 23  HIS A N   1 
ATOM   99  C CA  . HIS A 1 12 ? -1.509  -3.664  9.073   1.00 37.18  ? 23  HIS A CA  1 
ATOM   100 C C   . HIS A 1 12 ? -2.241  -2.934  7.955   1.00 36.66  ? 23  HIS A C   1 
ATOM   101 O O   . HIS A 1 12 ? -1.623  -2.227  7.159   1.00 33.75  ? 23  HIS A O   1 
ATOM   102 C CB  . HIS A 1 12 ? -0.163  -4.196  8.576   1.00 34.04  ? 23  HIS A CB  1 
ATOM   103 C CG  . HIS A 1 12 ? 0.696   -4.750  9.667   1.00 34.55  ? 23  HIS A CG  1 
ATOM   104 N ND1 . HIS A 1 12 ? 1.320   -3.950  10.598  1.00 33.65  ? 23  HIS A ND1 1 
ATOM   105 C CD2 . HIS A 1 12 ? 1.015   -6.025  9.991   1.00 36.18  ? 23  HIS A CD2 1 
ATOM   106 C CE1 . HIS A 1 12 ? 1.999   -4.707  11.442  1.00 40.14  ? 23  HIS A CE1 1 
ATOM   107 N NE2 . HIS A 1 12 ? 1.830   -5.971  11.095  1.00 34.61  ? 23  HIS A NE2 1 
ATOM   108 N N   . ASN A 1 13 ? -3.555  -3.112  7.898   1.00 35.44  ? 24  ASN A N   1 
ATOM   109 C CA  . ASN A 1 13 ? -4.380  -2.342  6.980   1.00 40.64  ? 24  ASN A CA  1 
ATOM   110 C C   . ASN A 1 13 ? -3.942  -2.510  5.523   1.00 39.55  ? 24  ASN A C   1 
ATOM   111 O O   . ASN A 1 13 ? -4.135  -1.607  4.704   1.00 36.63  ? 24  ASN A O   1 
ATOM   112 C CB  . ASN A 1 13 ? -4.310  -0.868  7.379   1.00 38.68  ? 24  ASN A CB  1 
ATOM   113 C CG  . ASN A 1 13 ? -5.479  -0.065  6.865   1.00 45.54  ? 24  ASN A CG  1 
ATOM   114 O OD1 . ASN A 1 13 ? -6.589  -0.585  6.698   1.00 40.21  ? 24  ASN A OD1 1 
ATOM   115 N ND2 . ASN A 1 13 ? -5.241  1.221   6.619   1.00 44.91  ? 24  ASN A ND2 1 
ATOM   116 N N   . ILE A 1 14 ? -3.357  -3.665  5.207   1.00 31.79  ? 25  ILE A N   1 
ATOM   117 C CA  . ILE A 1 14 ? -2.777  -3.896  3.885   1.00 31.42  ? 25  ILE A CA  1 
ATOM   118 C C   . ILE A 1 14 ? -3.812  -3.803  2.767   1.00 31.41  ? 25  ILE A C   1 
ATOM   119 O O   . ILE A 1 14 ? -3.537  -3.244  1.705   1.00 31.02  ? 25  ILE A O   1 
ATOM   120 C CB  . ILE A 1 14 ? -2.069  -5.265  3.785   1.00 31.92  ? 25  ILE A CB  1 
ATOM   121 C CG1 . ILE A 1 14 ? -1.012  -5.422  4.874   1.00 28.13  ? 25  ILE A CG1 1 
ATOM   122 C CG2 . ILE A 1 14 ? -1.444  -5.441  2.413   1.00 32.78  ? 25  ILE A CG2 1 
ATOM   123 C CD1 . ILE A 1 14 ? 0.126   -4.421  4.774   1.00 24.46  ? 25  ILE A CD1 1 
ATOM   124 N N   . GLN A 1 15 ? -5.003  -4.340  3.000   1.00 32.27  ? 26  GLN A N   1 
ATOM   125 C CA  . GLN A 1 15 ? -6.021  -4.333  1.954   1.00 41.10  ? 26  GLN A CA  1 
ATOM   126 C C   . GLN A 1 15 ? -6.392  -2.907  1.519   1.00 37.04  ? 26  GLN A C   1 
ATOM   127 O O   . GLN A 1 15 ? -6.364  -2.587  0.328   1.00 36.30  ? 26  GLN A O   1 
ATOM   128 C CB  . GLN A 1 15 ? -7.264  -5.139  2.365   1.00 48.61  ? 26  GLN A CB  1 
ATOM   129 C CG  . GLN A 1 15 ? -8.227  -5.387  1.213   1.00 52.73  ? 26  GLN A CG  1 
ATOM   130 C CD  . GLN A 1 15 ? -9.143  -6.586  1.436   1.00 62.99  ? 26  GLN A CD  1 
ATOM   131 O OE1 . GLN A 1 15 ? -9.507  -6.913  2.568   1.00 57.75  ? 26  GLN A OE1 1 
ATOM   132 N NE2 . GLN A 1 15 ? -9.520  -7.246  0.345   1.00 64.19  ? 26  GLN A NE2 1 
ATOM   133 N N   . ALA A 1 16 ? -6.724  -2.053  2.481   1.00 27.86  ? 27  ALA A N   1 
ATOM   134 C CA  . ALA A 1 16 ? -7.067  -0.664  2.174   1.00 33.45  ? 27  ALA A CA  1 
ATOM   135 C C   . ALA A 1 16 ? -5.908  0.138   1.552   1.00 30.93  ? 27  ALA A C   1 
ATOM   136 O O   . ALA A 1 16 ? -6.127  0.946   0.653   1.00 27.56  ? 27  ALA A O   1 
ATOM   137 C CB  . ALA A 1 16 ? -7.607  0.045   3.414   1.00 36.22  ? 27  ALA A CB  1 
ATOM   138 N N   . LEU A 1 17 ? -4.681  -0.078  2.022   1.00 29.01  ? 28  LEU A N   1 
ATOM   139 C CA  . LEU A 1 17 ? -3.541  0.685   1.506   1.00 31.18  ? 28  LEU A CA  1 
ATOM   140 C C   . LEU A 1 17 ? -3.261  0.332   0.045   1.00 31.95  ? 28  LEU A C   1 
ATOM   141 O O   . LEU A 1 17 ? -2.953  1.205   -0.768  1.00 27.84  ? 28  LEU A O   1 
ATOM   142 C CB  . LEU A 1 17 ? -2.284  0.461   2.355   1.00 31.45  ? 28  LEU A CB  1 
ATOM   143 C CG  . LEU A 1 17 ? -2.268  1.003   3.785   1.00 35.60  ? 28  LEU A CG  1 
ATOM   144 C CD1 . LEU A 1 17 ? -1.018  0.520   4.510   1.00 41.27  ? 28  LEU A CD1 1 
ATOM   145 C CD2 . LEU A 1 17 ? -2.342  2.524   3.797   1.00 38.79  ? 28  LEU A CD2 1 
ATOM   146 N N   . LEU A 1 18 ? -3.371  -0.952  -0.281  1.00 24.63  ? 29  LEU A N   1 
ATOM   147 C CA  . LEU A 1 18 ? -3.148  -1.415  -1.643  1.00 34.53  ? 29  LEU A CA  1 
ATOM   148 C C   . LEU A 1 18 ? -4.287  -0.969  -2.548  1.00 30.94  ? 29  LEU A C   1 
ATOM   149 O O   . LEU A 1 18 ? -4.065  -0.565  -3.688  1.00 36.57  ? 29  LEU A O   1 
ATOM   150 C CB  . LEU A 1 18 ? -3.005  -2.940  -1.678  1.00 39.51  ? 29  LEU A CB  1 
ATOM   151 C CG  . LEU A 1 18 ? -1.782  -3.457  -0.917  1.00 43.69  ? 29  LEU A CG  1 
ATOM   152 C CD1 . LEU A 1 18 ? -1.563  -4.932  -1.166  1.00 43.94  ? 29  LEU A CD1 1 
ATOM   153 C CD2 . LEU A 1 18 ? -0.554  -2.683  -1.310  1.00 40.22  ? 29  LEU A CD2 1 
ATOM   154 N N   . LYS A 1 19 ? -5.505  -1.054  -2.030  1.00 30.67  ? 30  LYS A N   1 
ATOM   155 C CA  . LYS A 1 19 ? -6.684  -0.553  -2.720  1.00 31.40  ? 30  LYS A CA  1 
ATOM   156 C C   . LYS A 1 19 ? -6.490  0.918   -3.102  1.00 30.33  ? 30  LYS A C   1 
ATOM   157 O O   . LYS A 1 19 ? -6.688  1.314   -4.247  1.00 28.00  ? 30  LYS A O   1 
ATOM   158 C CB  . LYS A 1 19 ? -7.903  -0.680  -1.808  1.00 32.47  ? 30  LYS A CB  1 
ATOM   159 C CG  . LYS A 1 19 ? -9.206  -0.189  -2.417  1.00 39.86  ? 30  LYS A CG  1 
ATOM   160 C CD  . LYS A 1 19 ? -9.799  -1.257  -3.315  1.00 62.50  ? 30  LYS A CD  1 
ATOM   161 C CE  . LYS A 1 19 ? -11.074 -0.785  -3.991  1.00 81.84  ? 30  LYS A CE  1 
ATOM   162 N NZ  . LYS A 1 19 ? -11.735 -1.899  -4.731  1.00 91.11  ? 30  LYS A NZ  1 
ATOM   163 N N   . ASP A 1 20 ? -6.121  1.724   -2.123  1.00 27.92  ? 31  ASP A N   1 
ATOM   164 C CA  . ASP A 1 20 ? -5.916  3.147   -2.352  1.00 30.37  ? 31  ASP A CA  1 
ATOM   165 C C   . ASP A 1 20 ? -4.788  3.410   -3.345  1.00 25.40  ? 31  ASP A C   1 
ATOM   166 O O   . ASP A 1 20 ? -4.879  4.320   -4.167  1.00 25.32  ? 31  ASP A O   1 
ATOM   167 C CB  . ASP A 1 20 ? -5.640  3.863   -1.031  1.00 32.56  ? 31  ASP A CB  1 
ATOM   168 C CG  . ASP A 1 20 ? -6.885  4.003   -0.178  1.00 50.88  ? 31  ASP A CG  1 
ATOM   169 O OD1 . ASP A 1 20 ? -7.964  3.546   -0.620  1.00 53.82  ? 31  ASP A OD1 1 
ATOM   170 O OD2 . ASP A 1 20 ? -6.783  4.562   0.934   1.00 57.61  ? 31  ASP A OD2 1 
ATOM   171 N N   . SER A 1 21 ? -3.729  2.612   -3.281  1.00 25.49  ? 32  SER A N   1 
ATOM   172 C CA  . SER A 1 21 ? -2.596  2.832   -4.170  1.00 26.84  ? 32  SER A CA  1 
ATOM   173 C C   . SER A 1 21 ? -3.013  2.543   -5.617  1.00 32.41  ? 32  SER A C   1 
ATOM   174 O O   . SER A 1 21 ? -2.636  3.253   -6.545  1.00 24.49  ? 32  SER A O   1 
ATOM   175 C CB  . SER A 1 21 ? -1.389  1.985   -3.746  1.00 22.68  ? 32  SER A CB  1 
ATOM   176 O OG  . SER A 1 21 ? -1.501  0.653   -4.213  1.00 27.98  ? 32  SER A OG  1 
ATOM   177 N N   . ILE A 1 22 ? -3.814  1.504   -5.798  1.00 24.42  ? 33  ILE A N   1 
ATOM   178 C CA  . ILE A 1 22 ? -4.358  1.203   -7.112  1.00 24.62  ? 33  ILE A CA  1 
ATOM   179 C C   . ILE A 1 22 ? -5.296  2.306   -7.607  1.00 20.67  ? 33  ILE A C   1 
ATOM   180 O O   . ILE A 1 22 ? -5.227  2.689   -8.776  1.00 22.17  ? 33  ILE A O   1 
ATOM   181 C CB  . ILE A 1 22 ? -5.075  -0.158  -7.123  1.00 31.43  ? 33  ILE A CB  1 
ATOM   182 C CG1 . ILE A 1 22 ? -4.061  -1.283  -6.930  1.00 34.88  ? 33  ILE A CG1 1 
ATOM   183 C CG2 . ILE A 1 22 ? -5.835  -0.362  -8.424  1.00 31.12  ? 33  ILE A CG2 1 
ATOM   184 C CD1 . ILE A 1 22 ? -4.724  -2.627  -6.727  1.00 42.96  ? 33  ILE A CD1 1 
ATOM   185 N N   . VAL A 1 23 ? -6.155  2.832   -6.734  1.00 20.11  ? 34  VAL A N   1 
ATOM   186 C CA  . VAL A 1 23 ? -7.056  3.906   -7.157  1.00 22.01  ? 34  VAL A CA  1 
ATOM   187 C C   . VAL A 1 23 ? -6.278  5.154   -7.605  1.00 29.55  ? 34  VAL A C   1 
ATOM   188 O O   . VAL A 1 23 ? -6.644  5.793   -8.594  1.00 24.61  ? 34  VAL A O   1 
ATOM   189 C CB  . VAL A 1 23 ? -8.076  4.304   -6.077  1.00 25.09  ? 34  VAL A CB  1 
ATOM   190 C CG1 . VAL A 1 23 ? -8.817  5.572   -6.489  1.00 28.26  ? 34  VAL A CG1 1 
ATOM   191 C CG2 . VAL A 1 23 ? -9.070  3.175   -5.827  1.00 28.47  ? 34  VAL A CG2 1 
ATOM   192 N N   . GLN A 1 24 ? -5.211  5.498   -6.884  1.00 24.58  ? 35  GLN A N   1 
ATOM   193 C CA  A GLN A 1 24 ? -4.407  6.666   -7.248  0.60 26.63  ? 35  GLN A CA  1 
ATOM   194 C CA  B GLN A 1 24 ? -4.391  6.659   -7.238  0.40 26.23  ? 35  GLN A CA  1 
ATOM   195 C C   . GLN A 1 24 ? -3.655  6.430   -8.560  1.00 20.90  ? 35  GLN A C   1 
ATOM   196 O O   . GLN A 1 24 ? -3.564  7.325   -9.393  1.00 28.37  ? 35  GLN A O   1 
ATOM   197 C CB  A GLN A 1 24 ? -3.449  7.062   -6.114  0.60 26.62  ? 35  GLN A CB  1 
ATOM   198 C CB  B GLN A 1 24 ? -3.414  7.021   -6.103  0.40 26.73  ? 35  GLN A CB  1 
ATOM   199 C CG  A GLN A 1 24 ? -2.594  8.313   -6.382  0.60 23.93  ? 35  GLN A CG  1 
ATOM   200 C CG  B GLN A 1 24 ? -4.061  7.819   -4.966  0.40 25.61  ? 35  GLN A CG  1 
ATOM   201 C CD  A GLN A 1 24 ? -3.406  9.584   -6.568  0.60 25.32  ? 35  GLN A CD  1 
ATOM   202 C CD  B GLN A 1 24 ? -3.102  8.206   -3.839  0.40 33.27  ? 35  GLN A CD  1 
ATOM   203 O OE1 A GLN A 1 24 ? -3.407  10.472  -5.707  0.60 27.35  ? 35  GLN A OE1 1 
ATOM   204 O OE1 B GLN A 1 24 ? -1.896  8.365   -4.048  0.40 30.60  ? 35  GLN A OE1 1 
ATOM   205 N NE2 A GLN A 1 24 ? -4.096  9.684   -7.700  0.60 21.40  ? 35  GLN A NE2 1 
ATOM   206 N NE2 B GLN A 1 24 ? -3.646  8.372   -2.636  0.40 31.77  ? 35  GLN A NE2 1 
ATOM   207 N N   . LEU A 1 25 ? -3.140  5.215   -8.751  1.00 21.19  ? 36  LEU A N   1 
ATOM   208 C CA  . LEU A 1 25 ? -2.467  4.844   -9.994  1.00 24.74  ? 36  LEU A CA  1 
ATOM   209 C C   . LEU A 1 25 ? -3.374  5.022   -11.216 1.00 29.36  ? 36  LEU A C   1 
ATOM   210 O O   . LEU A 1 25 ? -2.979  5.618   -12.215 1.00 30.21  ? 36  LEU A O   1 
ATOM   211 C CB  . LEU A 1 25 ? -2.008  3.384   -9.939  1.00 22.51  ? 36  LEU A CB  1 
ATOM   212 C CG  . LEU A 1 25 ? -0.643  3.036   -9.353  1.00 28.85  ? 36  LEU A CG  1 
ATOM   213 C CD1 . LEU A 1 25 ? -0.516  1.521   -9.275  1.00 31.63  ? 36  LEU A CD1 1 
ATOM   214 C CD2 . LEU A 1 25 ? 0.476   3.629   -10.204 1.00 22.16  ? 36  LEU A CD2 1 
ATOM   215 N N   . CYS A 1 26 ? -4.581  4.472   -11.144 1.00 22.71  ? 37  CYS A N   1 
ATOM   216 C CA  . CYS A 1 26 ? -5.532  4.601   -12.243 1.00 27.61  ? 37  CYS A CA  1 
ATOM   217 C C   . CYS A 1 26 ? -6.037  6.022   -12.430 1.00 24.99  ? 37  CYS A C   1 
ATOM   218 O O   . CYS A 1 26 ? -6.293  6.446   -13.554 1.00 30.08  ? 37  CYS A O   1 
ATOM   219 C CB  . CYS A 1 26 ? -6.718  3.658   -12.039 1.00 28.19  ? 37  CYS A CB  1 
ATOM   220 S SG  . CYS A 1 26 ? -6.274  1.954   -12.296 1.00 38.70  ? 37  CYS A SG  1 
ATOM   221 N N   . THR A 1 27 ? -6.195  6.750   -11.331 1.00 23.04  ? 38  THR A N   1 
ATOM   222 C CA  . THR A 1 27 ? -6.674  8.127   -11.399 1.00 27.50  ? 38  THR A CA  1 
ATOM   223 C C   . THR A 1 27 ? -5.634  9.055   -12.032 1.00 27.88  ? 38  THR A C   1 
ATOM   224 O O   . THR A 1 27 ? -5.951  9.835   -12.939 1.00 26.41  ? 38  THR A O   1 
ATOM   225 C CB  . THR A 1 27 ? -7.049  8.656   -10.006 1.00 28.71  ? 38  THR A CB  1 
ATOM   226 O OG1 . THR A 1 27 ? -8.108  7.858   -9.464  1.00 30.12  ? 38  THR A OG1 1 
ATOM   227 C CG2 . THR A 1 27 ? -7.492  10.123  -10.071 1.00 27.67  ? 38  THR A CG2 1 
ATOM   228 N N   . ALA A 1 28 ? -4.397  8.949   -11.559 1.00 22.86  ? 39  ALA A N   1 
ATOM   229 C CA  . ALA A 1 28 ? -3.309  9.835   -11.981 1.00 28.43  ? 39  ALA A CA  1 
ATOM   230 C C   . ALA A 1 28 ? -2.641  9.372   -13.270 1.00 26.77  ? 39  ALA A C   1 
ATOM   231 O O   . ALA A 1 28 ? -2.085  10.187  -14.009 1.00 27.07  ? 39  ALA A O   1 
ATOM   232 C CB  . ALA A 1 28 ? -2.260  9.949   -10.876 1.00 22.13  ? 39  ALA A CB  1 
ATOM   233 N N   . ARG A 1 29 ? -2.683  8.064   -13.518 1.00 25.23  ? 40  ARG A N   1 
ATOM   234 C CA  . ARG A 1 29 ? -1.960  7.445   -14.631 1.00 26.03  ? 40  ARG A CA  1 
ATOM   235 C C   . ARG A 1 29 ? -0.491  7.868   -14.704 1.00 26.45  ? 40  ARG A C   1 
ATOM   236 O O   . ARG A 1 29 ? -0.071  8.530   -15.656 1.00 27.91  ? 40  ARG A O   1 
ATOM   237 C CB  . ARG A 1 29 ? -2.663  7.726   -15.963 1.00 28.29  ? 40  ARG A CB  1 
ATOM   238 C CG  . ARG A 1 29 ? -4.094  7.201   -16.007 1.00 34.51  ? 40  ARG A CG  1 
ATOM   239 C CD  . ARG A 1 29 ? -4.752  7.497   -17.349 1.00 40.89  ? 40  ARG A CD  1 
ATOM   240 N NE  . ARG A 1 29 ? -4.110  6.739   -18.418 1.00 44.15  ? 40  ARG A NE  1 
ATOM   241 C CZ  . ARG A 1 29 ? -4.397  5.475   -18.710 1.00 40.69  ? 40  ARG A CZ  1 
ATOM   242 N NH1 . ARG A 1 29 ? -5.329  4.827   -18.021 1.00 43.67  ? 40  ARG A NH1 1 
ATOM   243 N NH2 . ARG A 1 29 ? -3.755  4.860   -19.693 1.00 47.67  ? 40  ARG A NH2 1 
ATOM   244 N N   . PRO A 1 30 ? 0.296   7.490   -13.690 1.00 28.20  ? 41  PRO A N   1 
ATOM   245 C CA  . PRO A 1 30 ? 1.731   7.809   -13.687 1.00 29.14  ? 41  PRO A CA  1 
ATOM   246 C C   . PRO A 1 30 ? 2.469   7.303   -14.935 1.00 33.53  ? 41  PRO A C   1 
ATOM   247 O O   . PRO A 1 30 ? 2.209   6.183   -15.389 1.00 30.74  ? 41  PRO A O   1 
ATOM   248 C CB  . PRO A 1 30 ? 2.241   7.059   -12.460 1.00 26.05  ? 41  PRO A CB  1 
ATOM   249 C CG  . PRO A 1 30 ? 1.066   7.038   -11.524 1.00 20.36  ? 41  PRO A CG  1 
ATOM   250 C CD  . PRO A 1 30 ? -0.140  6.876   -12.423 1.00 19.08  ? 41  PRO A CD  1 
ATOM   251 N N   . GLU A 1 31 ? 3.367   8.123   -15.479 1.00 29.04  ? 42  GLU A N   1 
ATOM   252 C CA  . GLU A 1 31 ? 4.332   7.661   -16.472 1.00 29.91  ? 42  GLU A CA  1 
ATOM   253 C C   . GLU A 1 31 ? 5.261   6.667   -15.792 1.00 31.46  ? 42  GLU A C   1 
ATOM   254 O O   . GLU A 1 31 ? 5.830   5.789   -16.432 1.00 29.94  ? 42  GLU A O   1 
ATOM   255 C CB  . GLU A 1 31 ? 5.170   8.827   -17.013 1.00 32.10  ? 42  GLU A CB  1 
ATOM   256 C CG  . GLU A 1 31 ? 4.388   9.884   -17.785 1.00 38.25  ? 42  GLU A CG  1 
ATOM   257 C CD  . GLU A 1 31 ? 5.264   11.046  -18.248 1.00 51.06  ? 42  GLU A CD  1 
ATOM   258 O OE1 . GLU A 1 31 ? 6.488   11.034  -17.985 1.00 51.11  ? 42  GLU A OE1 1 
ATOM   259 O OE2 . GLU A 1 31 ? 4.722   11.976  -18.882 1.00 58.18  ? 42  GLU A OE2 1 
ATOM   260 N N   . ARG A 1 32 ? 5.406   6.816   -14.477 1.00 25.60  ? 43  ARG A N   1 
ATOM   261 C CA  . ARG A 1 32 ? 6.311   5.984   -13.702 1.00 23.57  ? 43  ARG A CA  1 
ATOM   262 C C   . ARG A 1 32 ? 5.582   5.368   -12.519 1.00 23.62  ? 43  ARG A C   1 
ATOM   263 O O   . ARG A 1 32 ? 5.662   5.876   -11.401 1.00 22.45  ? 43  ARG A O   1 
ATOM   264 C CB  . ARG A 1 32 ? 7.505   6.817   -13.220 1.00 27.00  ? 43  ARG A CB  1 
ATOM   265 C CG  . ARG A 1 32 ? 8.323   7.424   -14.357 1.00 31.60  ? 43  ARG A CG  1 
ATOM   266 C CD  . ARG A 1 32 ? 9.365   8.414   -13.848 1.00 31.14  ? 43  ARG A CD  1 
ATOM   267 N NE  . ARG A 1 32 ? 10.007  9.113   -14.959 1.00 35.34  ? 43  ARG A NE  1 
ATOM   268 C CZ  . ARG A 1 32 ? 10.998  9.991   -14.830 1.00 39.72  ? 43  ARG A CZ  1 
ATOM   269 N NH1 . ARG A 1 32 ? 11.476  10.302  -13.630 1.00 34.28  ? 43  ARG A NH1 1 
ATOM   270 N NH2 . ARG A 1 32 ? 11.512  10.565  -15.909 1.00 41.35  ? 43  ARG A NH2 1 
ATOM   271 N N   . PRO A 1 33 ? 4.871   4.259   -12.766 1.00 24.20  ? 44  PRO A N   1 
ATOM   272 C CA  . PRO A 1 33 ? 4.040   3.601   -11.750 1.00 22.40  ? 44  PRO A CA  1 
ATOM   273 C C   . PRO A 1 33 ? 4.858   3.002   -10.611 1.00 22.21  ? 44  PRO A C   1 
ATOM   274 O O   . PRO A 1 33 ? 4.431   3.052   -9.454  1.00 24.24  ? 44  PRO A O   1 
ATOM   275 C CB  . PRO A 1 33 ? 3.340   2.467   -12.525 1.00 23.96  ? 44  PRO A CB  1 
ATOM   276 C CG  . PRO A 1 33 ? 3.632   2.684   -13.963 1.00 27.61  ? 44  PRO A CG  1 
ATOM   277 C CD  . PRO A 1 33 ? 4.799   3.603   -14.083 1.00 25.67  ? 44  PRO A CD  1 
ATOM   278 N N   . MET A 1 34 ? 6.006   2.417   -10.937 1.00 24.23  ? 45  MET A N   1 
ATOM   279 C CA  . MET A 1 34 ? 6.866   1.832   -9.917  1.00 25.89  ? 45  MET A CA  1 
ATOM   280 C C   . MET A 1 34 ? 7.443   2.919   -8.992  1.00 20.29  ? 45  MET A C   1 
ATOM   281 O O   . MET A 1 34 ? 7.446   2.749   -7.774  1.00 23.18  ? 45  MET A O   1 
ATOM   282 C CB  . MET A 1 34 ? 7.974   0.985   -10.551 1.00 22.81  ? 45  MET A CB  1 
ATOM   283 C CG  . MET A 1 34 ? 7.466   -0.157  -11.440 1.00 27.25  ? 45  MET A CG  1 
ATOM   284 S SD  . MET A 1 34 ? 6.407   -1.329  -10.579 1.00 37.10  ? 45  MET A SD  1 
ATOM   285 C CE  . MET A 1 34 ? 4.788   -0.772  -11.117 1.00 32.57  ? 45  MET A CE  1 
ATOM   286 N N   . ALA A 1 35 ? 7.906   4.031   -9.565  1.00 24.12  ? 46  ALA A N   1 
ATOM   287 C CA  . ALA A 1 35 ? 8.336   5.180   -8.757  1.00 23.64  ? 46  ALA A CA  1 
ATOM   288 C C   . ALA A 1 35 ? 7.187   5.663   -7.869  1.00 25.68  ? 46  ALA A C   1 
ATOM   289 O O   . ALA A 1 35 ? 7.380   5.933   -6.685  1.00 24.60  ? 46  ALA A O   1 
ATOM   290 C CB  . ALA A 1 35 ? 8.844   6.328   -9.653  1.00 22.70  ? 46  ALA A CB  1 
ATOM   291 N N   . PHE A 1 36 ? 5.992   5.755   -8.445  1.00 28.41  ? 47  PHE A N   1 
ATOM   292 C CA  . PHE A 1 36 ? 4.818   6.172   -7.682  1.00 24.99  ? 47  PHE A CA  1 
ATOM   293 C C   . PHE A 1 36 ? 4.580   5.277   -6.460  1.00 23.36  ? 47  PHE A C   1 
ATOM   294 O O   . PHE A 1 36 ? 4.414   5.771   -5.347  1.00 22.11  ? 47  PHE A O   1 
ATOM   295 C CB  . PHE A 1 36 ? 3.541   6.193   -8.531  1.00 24.00  ? 47  PHE A CB  1 
ATOM   296 C CG  . PHE A 1 36 ? 2.312   6.397   -7.702  1.00 29.90  ? 47  PHE A CG  1 
ATOM   297 C CD1 . PHE A 1 36 ? 1.948   7.670   -7.292  1.00 40.22  ? 47  PHE A CD1 1 
ATOM   298 C CD2 . PHE A 1 36 ? 1.572   5.316   -7.257  1.00 28.57  ? 47  PHE A CD2 1 
ATOM   299 C CE1 . PHE A 1 36 ? 0.840   7.866   -6.493  1.00 40.34  ? 47  PHE A CE1 1 
ATOM   300 C CE2 . PHE A 1 36 ? 0.465   5.508   -6.450  1.00 32.13  ? 47  PHE A CE2 1 
ATOM   301 C CZ  . PHE A 1 36 ? 0.103   6.781   -6.066  1.00 37.35  ? 47  PHE A CZ  1 
ATOM   302 N N   . LEU A 1 37 ? 4.559   3.964   -6.679  1.00 16.65  ? 48  LEU A N   1 
ATOM   303 C CA  . LEU A 1 37 ? 4.360   3.013   -5.588  1.00 25.76  ? 48  LEU A CA  1 
ATOM   304 C C   . LEU A 1 37 ? 5.475   3.070   -4.545  1.00 23.00  ? 48  LEU A C   1 
ATOM   305 O O   . LEU A 1 37 ? 5.212   2.985   -3.352  1.00 23.21  ? 48  LEU A O   1 
ATOM   306 C CB  . LEU A 1 37 ? 4.202   1.583   -6.124  1.00 19.24  ? 48  LEU A CB  1 
ATOM   307 C CG  . LEU A 1 37 ? 2.902   1.356   -6.907  1.00 21.61  ? 48  LEU A CG  1 
ATOM   308 C CD1 . LEU A 1 37 ? 2.925   0.026   -7.652  1.00 20.58  ? 48  LEU A CD1 1 
ATOM   309 C CD2 . LEU A 1 37 ? 1.723   1.407   -5.963  1.00 19.69  ? 48  LEU A CD2 1 
ATOM   310 N N   . ARG A 1 38 ? 6.719   3.211   -4.990  1.00 22.05  ? 49  ARG A N   1 
ATOM   311 C CA  . ARG A 1 38 ? 7.817   3.348   -4.035  1.00 23.06  ? 49  ARG A CA  1 
ATOM   312 C C   . ARG A 1 38 ? 7.608   4.577   -3.148  1.00 23.97  ? 49  ARG A C   1 
ATOM   313 O O   . ARG A 1 38 ? 7.710   4.498   -1.923  1.00 24.73  ? 49  ARG A O   1 
ATOM   314 C CB  . ARG A 1 38 ? 9.175   3.396   -4.747  1.00 26.28  ? 49  ARG A CB  1 
ATOM   315 C CG  . ARG A 1 38 ? 10.381  3.267   -3.817  1.00 27.45  ? 49  ARG A CG  1 
ATOM   316 C CD  . ARG A 1 38 ? 10.817  4.618   -3.297  1.00 26.83  ? 49  ARG A CD  1 
ATOM   317 N NE  . ARG A 1 38 ? 11.011  5.565   -4.393  1.00 29.53  ? 49  ARG A NE  1 
ATOM   318 C CZ  . ARG A 1 38 ? 10.889  6.882   -4.276  1.00 29.75  ? 49  ARG A CZ  1 
ATOM   319 N NH1 . ARG A 1 38 ? 10.580  7.421   -3.098  1.00 26.90  ? 49  ARG A NH1 1 
ATOM   320 N NH2 . ARG A 1 38 ? 11.074  7.662   -5.336  1.00 31.02  ? 49  ARG A NH2 1 
ATOM   321 N N   . GLU A 1 39 ? 7.289   5.708   -3.766  1.00 23.16  ? 50  GLU A N   1 
ATOM   322 C CA  . GLU A 1 39 ? 7.111   6.942   -3.015  1.00 25.02  ? 50  GLU A CA  1 
ATOM   323 C C   . GLU A 1 39 ? 5.871   6.873   -2.123  1.00 26.21  ? 50  GLU A C   1 
ATOM   324 O O   . GLU A 1 39 ? 5.874   7.394   -1.012  1.00 25.07  ? 50  GLU A O   1 
ATOM   325 C CB  . GLU A 1 39 ? 7.045   8.140   -3.957  1.00 20.24  ? 50  GLU A CB  1 
ATOM   326 C CG  . GLU A 1 39 ? 6.590   9.441   -3.307  1.00 27.54  ? 50  GLU A CG  1 
ATOM   327 C CD  . GLU A 1 39 ? 7.631   10.066  -2.398  1.00 34.34  ? 50  GLU A CD  1 
ATOM   328 O OE1 . GLU A 1 39 ? 8.801   9.621   -2.416  1.00 38.98  ? 50  GLU A OE1 1 
ATOM   329 O OE2 . GLU A 1 39 ? 7.280   11.021  -1.673  1.00 40.63  ? 50  GLU A OE2 1 
ATOM   330 N N   . TYR A 1 40 ? 4.828   6.202   -2.606  1.00 25.10  ? 51  TYR A N   1 
ATOM   331 C CA  . TYR A 1 40 ? 3.593   6.030   -1.838  1.00 23.08  ? 51  TYR A CA  1 
ATOM   332 C C   . TYR A 1 40 ? 3.880   5.349   -0.505  1.00 21.92  ? 51  TYR A C   1 
ATOM   333 O O   . TYR A 1 40 ? 3.482   5.830   0.557   1.00 24.85  ? 51  TYR A O   1 
ATOM   334 C CB  . TYR A 1 40 ? 2.583   5.208   -2.647  1.00 23.64  ? 51  TYR A CB  1 
ATOM   335 C CG  . TYR A 1 40 ? 1.256   4.964   -1.959  1.00 27.70  ? 51  TYR A CG  1 
ATOM   336 C CD1 . TYR A 1 40 ? 0.210   5.872   -2.074  1.00 28.58  ? 51  TYR A CD1 1 
ATOM   337 C CD2 . TYR A 1 40 ? 1.042   3.815   -1.209  1.00 31.48  ? 51  TYR A CD2 1 
ATOM   338 C CE1 . TYR A 1 40 ? -1.010  5.640   -1.451  1.00 36.34  ? 51  TYR A CE1 1 
ATOM   339 C CE2 . TYR A 1 40 ? -0.177  3.573   -0.593  1.00 33.45  ? 51  TYR A CE2 1 
ATOM   340 C CZ  . TYR A 1 40 ? -1.197  4.484   -0.718  1.00 34.90  ? 51  TYR A CZ  1 
ATOM   341 O OH  . TYR A 1 40 ? -2.408  4.240   -0.095  1.00 37.72  ? 51  TYR A OH  1 
ATOM   342 N N   . PHE A 1 41 ? 4.584   4.225   -0.565  1.00 23.26  ? 52  PHE A N   1 
ATOM   343 C CA  . PHE A 1 41 ? 4.940   3.495   0.646   1.00 30.10  ? 52  PHE A CA  1 
ATOM   344 C C   . PHE A 1 41 ? 6.063   4.149   1.451   1.00 26.38  ? 52  PHE A C   1 
ATOM   345 O O   . PHE A 1 41 ? 6.116   4.009   2.671   1.00 31.93  ? 52  PHE A O   1 
ATOM   346 C CB  . PHE A 1 41 ? 5.266   2.039   0.311   1.00 27.88  ? 52  PHE A CB  1 
ATOM   347 C CG  . PHE A 1 41 ? 4.071   1.263   -0.118  1.00 31.77  ? 52  PHE A CG  1 
ATOM   348 C CD1 . PHE A 1 41 ? 3.099   0.921   0.806   1.00 34.46  ? 52  PHE A CD1 1 
ATOM   349 C CD2 . PHE A 1 41 ? 3.890   0.919   -1.441  1.00 30.78  ? 52  PHE A CD2 1 
ATOM   350 C CE1 . PHE A 1 41 ? 1.983   0.224   0.418   1.00 33.97  ? 52  PHE A CE1 1 
ATOM   351 C CE2 . PHE A 1 41 ? 2.772   0.223   -1.836  1.00 39.94  ? 52  PHE A CE2 1 
ATOM   352 C CZ  . PHE A 1 41 ? 1.817   -0.124  -0.902  1.00 37.95  ? 52  PHE A CZ  1 
ATOM   353 N N   . GLU A 1 42 ? 6.946   4.884   0.783   1.00 33.36  ? 53  GLU A N   1 
ATOM   354 C CA  . GLU A 1 42 ? 8.022   5.566   1.504   1.00 29.52  ? 53  GLU A CA  1 
ATOM   355 C C   . GLU A 1 42 ? 7.456   6.535   2.536   1.00 32.53  ? 53  GLU A C   1 
ATOM   356 O O   . GLU A 1 42 ? 7.982   6.669   3.645   1.00 31.12  ? 53  GLU A O   1 
ATOM   357 C CB  . GLU A 1 42 ? 8.966   6.295   0.545   1.00 30.57  ? 53  GLU A CB  1 
ATOM   358 C CG  . GLU A 1 42 ? 10.175  6.896   1.250   1.00 41.37  ? 53  GLU A CG  1 
ATOM   359 C CD  . GLU A 1 42 ? 11.404  6.966   0.370   1.00 39.08  ? 53  GLU A CD  1 
ATOM   360 O OE1 . GLU A 1 42 ? 11.450  6.258   -0.654  1.00 31.98  ? 53  GLU A OE1 1 
ATOM   361 O OE2 . GLU A 1 42 ? 12.327  7.736   0.702   1.00 51.92  ? 53  GLU A OE2 1 
ATOM   362 N N   . LYS A 1 43 ? 6.375   7.213   2.174   1.00 36.54  ? 54  LYS A N   1 
ATOM   363 C CA  . LYS A 1 43 ? 5.737   8.133   3.104   1.00 38.98  ? 54  LYS A CA  1 
ATOM   364 C C   . LYS A 1 43 ? 5.109   7.386   4.289   1.00 38.62  ? 54  LYS A C   1 
ATOM   365 O O   . LYS A 1 43 ? 5.103   7.885   5.413   1.00 39.63  ? 54  LYS A O   1 
ATOM   366 C CB  . LYS A 1 43 ? 4.727   9.027   2.381   1.00 46.04  ? 54  LYS A CB  1 
ATOM   367 C CG  . LYS A 1 43 ? 5.388   10.102  1.498   1.00 57.74  ? 54  LYS A CG  1 
ATOM   368 C CD  . LYS A 1 43 ? 6.472   10.868  2.275   1.00 60.34  ? 54  LYS A CD  1 
ATOM   369 C CE  . LYS A 1 43 ? 7.167   11.939  1.430   1.00 60.97  ? 54  LYS A CE  1 
ATOM   370 N NZ  . LYS A 1 43 ? 8.364   11.442  0.693   1.00 60.88  ? 54  LYS A NZ  1 
ATOM   371 N N   . LEU A 1 44 ? 4.609   6.179   4.035   1.00 33.62  ? 55  LEU A N   1 
ATOM   372 C CA  . LEU A 1 44 ? 4.078   5.315   5.094   1.00 32.20  ? 55  LEU A CA  1 
ATOM   373 C C   . LEU A 1 44 ? 5.186   4.685   5.941   1.00 31.99  ? 55  LEU A C   1 
ATOM   374 O O   . LEU A 1 44 ? 5.018   4.476   7.140   1.00 35.30  ? 55  LEU A O   1 
ATOM   375 C CB  . LEU A 1 44 ? 3.203   4.219   4.487   1.00 28.10  ? 55  LEU A CB  1 
ATOM   376 C CG  . LEU A 1 44 ? 1.911   4.725   3.845   1.00 33.46  ? 55  LEU A CG  1 
ATOM   377 C CD1 . LEU A 1 44 ? 1.260   3.622   3.029   1.00 36.08  ? 55  LEU A CD1 1 
ATOM   378 C CD2 . LEU A 1 44 ? 0.961   5.248   4.920   1.00 37.61  ? 55  LEU A CD2 1 
ATOM   379 N N   . GLU A 1 45 ? 6.314   4.369   5.309   1.00 26.81  ? 56  GLU A N   1 
ATOM   380 C CA  . GLU A 1 45 ? 7.464   3.835   6.030   1.00 24.21  ? 56  GLU A CA  1 
ATOM   381 C C   . GLU A 1 45 ? 7.911   4.867   7.053   1.00 31.82  ? 56  GLU A C   1 
ATOM   382 O O   . GLU A 1 45 ? 8.334   4.531   8.165   1.00 29.38  ? 56  GLU A O   1 
ATOM   383 C CB  . GLU A 1 45 ? 8.611   3.504   5.054   1.00 25.69  ? 56  GLU A CB  1 
ATOM   384 C CG  . GLU A 1 45 ? 9.928   3.059   5.720   1.00 27.31  ? 56  GLU A CG  1 
ATOM   385 C CD  . GLU A 1 45 ? 11.085  2.903   4.711   1.00 36.37  ? 56  GLU A CD  1 
ATOM   386 O OE1 . GLU A 1 45 ? 10.992  3.474   3.601   1.00 32.27  ? 56  GLU A OE1 1 
ATOM   387 O OE2 . GLU A 1 45 ? 12.082  2.211   5.024   1.00 30.54  ? 56  GLU A OE2 1 
ATOM   388 N N   . LYS A 1 46 ? 7.806   6.135   6.671   1.00 33.27  ? 57  LYS A N   1 
ATOM   389 C CA  . LYS A 1 46 ? 8.216   7.222   7.551   1.00 42.24  ? 57  LYS A CA  1 
ATOM   390 C C   . LYS A 1 46 ? 7.385   7.249   8.848   1.00 40.49  ? 57  LYS A C   1 
ATOM   391 O O   . LYS A 1 46 ? 7.928   7.419   9.939   1.00 40.40  ? 57  LYS A O   1 
ATOM   392 C CB  . LYS A 1 46 ? 8.158   8.566   6.815   1.00 48.54  ? 57  LYS A CB  1 
ATOM   393 C CG  . LYS A 1 46 ? 9.223   9.554   7.265   1.00 64.15  ? 57  LYS A CG  1 
ATOM   394 C CD  . LYS A 1 46 ? 9.050   10.928  6.632   1.00 76.14  ? 57  LYS A CD  1 
ATOM   395 C CE  . LYS A 1 46 ? 10.088  11.908  7.176   1.00 82.11  ? 57  LYS A CE  1 
ATOM   396 N NZ  . LYS A 1 46 ? 9.838   13.308  6.732   1.00 86.03  ? 57  LYS A NZ  1 
ATOM   397 N N   . GLU A 1 47 ? 6.076   7.052   8.739   1.00 43.85  ? 58  GLU A N   1 
ATOM   398 C CA  . GLU A 1 47 ? 5.227   7.041   9.934   1.00 49.89  ? 58  GLU A CA  1 
ATOM   399 C C   . GLU A 1 47 ? 5.495   5.805   10.786  1.00 51.76  ? 58  GLU A C   1 
ATOM   400 O O   . GLU A 1 47 ? 5.457   5.858   12.015  1.00 57.37  ? 58  GLU A O   1 
ATOM   401 C CB  . GLU A 1 47 ? 3.750   7.113   9.549   1.00 58.13  ? 58  GLU A CB  1 
ATOM   402 C CG  . GLU A 1 47 ? 3.355   8.413   8.874   1.00 76.67  ? 58  GLU A CG  1 
ATOM   403 C CD  . GLU A 1 47 ? 3.580   9.624   9.764   1.00 93.18  ? 58  GLU A CD  1 
ATOM   404 O OE1 . GLU A 1 47 ? 3.382   9.510   10.995  1.00 95.68  ? 58  GLU A OE1 1 
ATOM   405 O OE2 . GLU A 1 47 ? 3.953   10.691  9.231   1.00 100.70 ? 58  GLU A OE2 1 
ATOM   406 N N   . GLU A 1 48 ? 5.775   4.696   10.111  1.00 44.62  ? 59  GLU A N   1 
ATOM   407 C CA  . GLU A 1 48 ? 6.068   3.424   10.759  1.00 43.78  ? 59  GLU A CA  1 
ATOM   408 C C   . GLU A 1 48 ? 7.286   3.498   11.691  1.00 47.08  ? 59  GLU A C   1 
ATOM   409 O O   . GLU A 1 48 ? 7.284   2.921   12.775  1.00 49.65  ? 59  GLU A O   1 
ATOM   410 C CB  . GLU A 1 48 ? 6.288   2.366   9.674   1.00 41.30  ? 59  GLU A CB  1 
ATOM   411 C CG  . GLU A 1 48 ? 6.605   0.966   10.159  1.00 44.15  ? 59  GLU A CG  1 
ATOM   412 C CD  . GLU A 1 48 ? 6.683   -0.019  9.000   1.00 42.69  ? 59  GLU A CD  1 
ATOM   413 O OE1 . GLU A 1 48 ? 7.705   -0.008  8.277   1.00 29.78  ? 59  GLU A OE1 1 
ATOM   414 O OE2 . GLU A 1 48 ? 5.714   -0.787  8.803   1.00 33.26  ? 59  GLU A OE2 1 
ATOM   415 N N   . ALA A 1 49 ? 8.326   4.207   11.263  1.00 47.11  ? 60  ALA A N   1 
ATOM   416 C CA  . ALA A 1 49 ? 9.541   4.335   12.067  1.00 50.69  ? 60  ALA A CA  1 
ATOM   417 C C   . ALA A 1 49 ? 9.481   5.506   13.049  1.00 56.29  ? 60  ALA A C   1 
ATOM   418 O O   . ALA A 1 49 ? 10.344  5.641   13.917  1.00 58.38  ? 60  ALA A O   1 
ATOM   419 C CB  . ALA A 1 49 ? 10.763  4.464   11.167  1.00 51.21  ? 60  ALA A CB  1 
ATOM   420 N N   . LYS A 1 50 ? 8.463   6.350   12.911  1.00 60.39  ? 61  LYS A N   1 
ATOM   421 C CA  . LYS A 1 50 ? 8.345   7.543   13.742  1.00 68.34  ? 61  LYS A CA  1 
ATOM   422 C C   . LYS A 1 50 ? 8.402   7.206   15.228  1.00 73.73  ? 61  LYS A C   1 
ATOM   423 O O   . LYS A 1 50 ? 8.134   6.075   15.628  1.00 75.98  ? 61  LYS A O   1 
ATOM   424 C CB  . LYS A 1 50 ? 7.055   8.298   13.422  1.00 73.74  ? 61  LYS A CB  1 
ATOM   425 C CG  . LYS A 1 50 ? 6.732   9.397   14.410  1.00 85.28  ? 61  LYS A CG  1 
ATOM   426 C CD  . LYS A 1 50 ? 5.391   10.048  14.110  1.00 92.45  ? 61  LYS A CD  1 
ATOM   427 C CE  . LYS A 1 50 ? 5.047   11.086  15.171  1.00 99.97  ? 61  LYS A CE  1 
ATOM   428 N NZ  . LYS A 1 50 ? 3.782   11.811  14.869  1.00 103.05 ? 61  LYS A NZ  1 
HETATM 429 C C   . FMT B 2 .  ? -5.342  -13.709 1.384   1.00 52.22  ? 81  FMT A C   1 
HETATM 430 O O1  . FMT B 2 .  ? -5.614  -14.648 0.636   1.00 53.83  ? 81  FMT A O1  1 
HETATM 431 O O2  . FMT B 2 .  ? -5.375  -12.532 1.031   1.00 51.70  ? 81  FMT A O2  1 
HETATM 432 C C   . FMT C 2 .  ? -6.037  -22.011 7.535   1.00 60.29  ? 82  FMT A C   1 
HETATM 433 O O1  . FMT C 2 .  ? -5.157  -22.339 6.736   1.00 64.09  ? 82  FMT A O1  1 
HETATM 434 O O2  . FMT C 2 .  ? -6.141  -20.898 8.060   1.00 51.24  ? 82  FMT A O2  1 
HETATM 435 O O   . HOH D 3 .  ? -6.238  -5.346  5.443   1.00 30.99  ? 101 HOH A O   1 
HETATM 436 O O   . HOH D 3 .  ? -10.489 8.762   -8.480  1.00 28.61  ? 102 HOH A O   1 
HETATM 437 O O   . HOH D 3 .  ? -8.381  9.941   -14.020 1.00 25.91  ? 103 HOH A O   1 
HETATM 438 O O   . HOH D 3 .  ? 12.292  1.552   7.829   1.00 27.95  ? 104 HOH A O   1 
HETATM 439 O O   . HOH D 3 .  ? -6.885  5.214   -15.722 1.00 32.86  ? 105 HOH A O   1 
HETATM 440 O O   . HOH D 3 .  ? -7.271  -2.771  5.419   1.00 35.88  ? 106 HOH A O   1 
HETATM 441 O O   . HOH D 3 .  ? -5.120  -23.678 4.112   1.00 38.12  ? 107 HOH A O   1 
HETATM 442 O O   . HOH D 3 .  ? 1.305   7.301   1.245   1.00 37.58  ? 108 HOH A O   1 
HETATM 443 O O   . HOH D 3 .  ? 8.785   9.370   -17.759 1.00 44.86  ? 109 HOH A O   1 
HETATM 444 O O   . HOH D 3 .  ? 9.562   1.741   9.079   1.00 40.06  ? 110 HOH A O   1 
HETATM 445 O O   . HOH D 3 .  ? -1.234  -13.227 12.006  1.00 34.51  ? 111 HOH A O   1 
HETATM 446 O O   . HOH D 3 .  ? 2.674   3.405   8.753   1.00 40.09  ? 112 HOH A O   1 
HETATM 447 O O   . HOH D 3 .  ? 3.139   -7.507  13.025  1.00 50.94  ? 113 HOH A O   1 
HETATM 448 O O   . HOH D 3 .  ? -5.913  6.784   -3.346  1.00 36.10  ? 114 HOH A O   1 
HETATM 449 O O   . HOH D 3 .  ? -5.961  -23.781 9.833   1.00 54.05  ? 115 HOH A O   1 
HETATM 450 O O   . HOH D 3 .  ? -12.222 -6.748  3.009   1.00 51.23  ? 116 HOH A O   1 
HETATM 451 O O   . HOH D 3 .  ? 0.406   -0.011  8.063   1.00 46.37  ? 117 HOH A O   1 
HETATM 452 O O   . HOH D 3 .  ? -11.017 -4.466  2.301   0.50 28.06  ? 118 HOH A O   1 
HETATM 453 O O   . HOH D 3 .  ? -9.406  -7.834  -3.693  1.00 70.28  ? 119 HOH A O   1 
HETATM 454 O O   . HOH D 3 .  ? -10.078 -3.063  4.268   1.00 56.29  ? 120 HOH A O   1 
HETATM 455 O O   . HOH D 3 .  ? 2.615   13.219  -17.760 1.00 47.68  ? 121 HOH A O   1 
HETATM 456 O O   . HOH D 3 .  ? 3.601   -0.581  10.466  1.00 47.56  ? 122 HOH A O   1 
HETATM 457 O O   . HOH D 3 .  ? -9.472  -18.314 7.943   1.00 51.89  ? 123 HOH A O   1 
HETATM 458 O O   . HOH D 3 .  ? -9.204  1.007   6.485   1.00 58.85  ? 124 HOH A O   1 
HETATM 459 O O   . HOH D 3 .  ? -1.392  -10.824 12.883  1.00 51.43  ? 125 HOH A O   1 
HETATM 460 O O   . HOH D 3 .  ? -6.050  4.206   4.958   1.00 57.00  ? 126 HOH A O   1 
HETATM 461 O O   . HOH D 3 .  ? -7.849  -7.670  4.813   1.00 76.09  ? 127 HOH A O   1 
HETATM 462 O O   . HOH D 3 .  ? -3.593  -23.429 2.042   1.00 49.79  ? 128 HOH A O   1 
HETATM 463 O O   . HOH D 3 .  ? 1.106   -1.217  10.291  1.00 70.45  ? 129 HOH A O   1 
# 
loop_
_atom_site_anisotrop.id 
_atom_site_anisotrop.type_symbol 
_atom_site_anisotrop.pdbx_label_atom_id 
_atom_site_anisotrop.pdbx_label_alt_id 
_atom_site_anisotrop.pdbx_label_comp_id 
_atom_site_anisotrop.pdbx_label_asym_id 
_atom_site_anisotrop.pdbx_label_seq_id 
_atom_site_anisotrop.pdbx_PDB_ins_code 
_atom_site_anisotrop.U[1][1] 
_atom_site_anisotrop.U[2][2] 
_atom_site_anisotrop.U[3][3] 
_atom_site_anisotrop.U[1][2] 
_atom_site_anisotrop.U[1][3] 
_atom_site_anisotrop.U[2][3] 
_atom_site_anisotrop.pdbx_auth_seq_id 
_atom_site_anisotrop.pdbx_auth_comp_id 
_atom_site_anisotrop.pdbx_auth_asym_id 
_atom_site_anisotrop.pdbx_auth_atom_id 
1   N N   . SER A 1  ? 0.5865 0.6931 0.6383 -0.1351 -0.0413 0.2542  12 SER A N   
2   C CA  . SER A 1  ? 0.6451 0.7273 0.6880 -0.1199 -0.0423 0.2218  12 SER A CA  
3   C C   . SER A 1  ? 0.5900 0.6885 0.6433 -0.1134 -0.0290 0.2078  12 SER A C   
4   O O   . SER A 1  ? 0.4580 0.5605 0.4984 -0.0989 -0.0171 0.1858  12 SER A O   
5   C CB  . SER A 1  ? 0.7778 0.8157 0.8280 -0.1226 -0.0668 0.2149  12 SER A CB  
6   O OG  . SER A 1  ? 0.8100 0.8272 0.8470 -0.1071 -0.0668 0.1859  12 SER A OG  
7   N N   . LEU A 2  ? 0.5283 0.6352 0.6062 -0.1244 -0.0326 0.2212  13 LEU A N   
8   C CA  . LEU A 2  ? 0.4970 0.6208 0.5861 -0.1189 -0.0210 0.2102  13 LEU A CA  
9   C C   . LEU A 2  ? 0.4176 0.5854 0.5000 -0.1124 0.0026  0.2131  13 LEU A C   
10  O O   . LEU A 2  ? 0.3414 0.5190 0.4186 -0.0993 0.0149  0.1936  13 LEU A O   
11  C CB  . LEU A 2  ? 0.5256 0.6492 0.6448 -0.1329 -0.0323 0.2254  13 LEU A CB  
12  C CG  . LEU A 2  ? 0.5911 0.6729 0.7166 -0.1329 -0.0529 0.2116  13 LEU A CG  
13  C CD1 . LEU A 2  ? 0.6430 0.7254 0.7989 -0.1473 -0.0660 0.2284  13 LEU A CD1 
14  C CD2 . LEU A 2  ? 0.5936 0.6671 0.7065 -0.1166 -0.0444 0.1823  13 LEU A CD2 
15  N N   . ARG A 3  ? 0.3587 0.5533 0.4413 -0.1210 0.0083  0.2380  14 ARG A N   
16  C CA  . ARG A 3  ? 0.4509 0.6908 0.5256 -0.1137 0.0312  0.2421  14 ARG A CA  
17  C C   . ARG A 3  ? 0.4213 0.6564 0.4647 -0.0953 0.0397  0.2182  14 ARG A C   
18  O O   . ARG A 3  ? 0.4059 0.6654 0.4423 -0.0819 0.0558  0.2051  14 ARG A O   
19  C CB  . ARG A 3  ? 0.4097 0.6777 0.4859 -0.1265 0.0351  0.2748  14 ARG A CB  
20  C CG  . ARG A 3  ? 0.5405 0.8559 0.6012 -0.1159 0.0594  0.2774  14 ARG A CG  
21  C CD  . ARG A 3  ? 0.6072 0.9433 0.6553 -0.1250 0.0630  0.3061  14 ARG A CD  
22  N NE  . ARG A 3  ? 0.5708 0.9278 0.6488 -0.1462 0.0600  0.3410  14 ARG A NE  
23  C CZ  . ARG A 3  ? 0.6652 0.9951 0.7560 -0.1649 0.0389  0.3617  14 ARG A CZ  
24  N NH1 . ARG A 3  ? 0.7241 1.0058 0.8000 -0.1635 0.0196  0.3494  14 ARG A NH1 
25  N NH2 . ARG A 3  ? 0.5868 0.9382 0.7076 -0.1848 0.0359  0.3949  14 ARG A NH2 
26  N N   . GLU A 4  ? 0.4916 0.6942 0.5184 -0.0947 0.0270  0.2130  15 GLU A N   
27  C CA  . GLU A 4  ? 0.5294 0.7197 0.5299 -0.0788 0.0299  0.1901  15 GLU A CA  
28  C C   . GLU A 4  ? 0.3913 0.5730 0.3951 -0.0663 0.0342  0.1625  15 GLU A C   
29  O O   . GLU A 4  ? 0.3144 0.5100 0.3049 -0.0523 0.0458  0.1469  15 GLU A O   
30  C CB  . GLU A 4  ? 0.6291 0.7810 0.6212 -0.0827 0.0113  0.1892  15 GLU A CB  
31  C CG  . GLU A 4  ? 0.7954 0.9380 0.7610 -0.0702 0.0116  0.1746  15 GLU A CG  
32  C CD  . GLU A 4  ? 0.9016 1.0118 0.8617 -0.0760 -0.0075 0.1800  15 GLU A CD  
33  O OE1 . GLU A 4  ? 0.9703 1.0849 0.9119 -0.0762 -0.0089 0.1905  15 GLU A OE1 
34  O OE2 . GLU A 4  ? 0.8988 0.9792 0.8728 -0.0796 -0.0217 0.1736  15 GLU A OE2 
35  N N   . CYS A 5  ? 0.3695 0.5266 0.3900 -0.0713 0.0232  0.1568  16 CYS A N   
36  C CA  A CYS A 5  ? 0.3387 0.4856 0.3626 -0.0613 0.0258  0.1334  16 CYS A CA  
37  C CA  B CYS A 5  ? 0.3387 0.4856 0.3628 -0.0614 0.0258  0.1335  16 CYS A CA  
38  C C   . CYS A 5  ? 0.3305 0.5097 0.3630 -0.0560 0.0408  0.1314  16 CYS A C   
39  O O   . CYS A 5  ? 0.3348 0.5177 0.3593 -0.0429 0.0485  0.1125  16 CYS A O   
40  C CB  A CYS A 5  ? 0.2973 0.4145 0.3359 -0.0680 0.0113  0.1303  16 CYS A CB  
41  C CB  B CYS A 5  ? 0.2968 0.4143 0.3360 -0.0684 0.0111  0.1312  16 CYS A CB  
42  S SG  A CYS A 5  ? 0.4528 0.5587 0.4947 -0.0573 0.0146  0.1053  16 CYS A SG  
43  S SG  B CYS A 5  ? 0.4434 0.5221 0.4745 -0.0719 -0.0079 0.1301  16 CYS A SG  
44  N N   . GLU A 6  ? 0.3203 0.5226 0.3712 -0.0664 0.0435  0.1515  17 GLU A N   
45  C CA  . GLU A 6  ? 0.4024 0.6397 0.4661 -0.0621 0.0573  0.1524  17 GLU A CA  
46  C C   . GLU A 6  ? 0.3298 0.5938 0.3735 -0.0469 0.0731  0.1433  17 GLU A C   
47  O O   . GLU A 6  ? 0.3627 0.6369 0.4067 -0.0341 0.0810  0.1261  17 GLU A O   
48  C CB  . GLU A 6  ? 0.4776 0.7402 0.5646 -0.0775 0.0578  0.1806  17 GLU A CB  
49  C CG  . GLU A 6  ? 0.6511 0.9463 0.7617 -0.0762 0.0678  0.1834  17 GLU A CG  
50  C CD  . GLU A 6  ? 0.7887 1.1075 0.9273 -0.0939 0.0659  0.2137  17 GLU A CD  
51  O OE1 . GLU A 6  ? 0.7946 1.1076 0.9316 -0.1068 0.0584  0.2339  17 GLU A OE1 
52  O OE2 . GLU A 6  ? 0.7977 1.1408 0.9622 -0.0955 0.0707  0.2180  17 GLU A OE2 
53  N N   . LEU A 7  ? 0.3297 0.6033 0.3553 -0.0477 0.0760  0.1543  18 LEU A N   
54  C CA  . LEU A 7  ? 0.3681 0.6659 0.3703 -0.0323 0.0893  0.1458  18 LEU A CA  
55  C C   . LEU A 7  ? 0.3309 0.6045 0.3161 -0.0168 0.0860  0.1166  18 LEU A C   
56  O O   . LEU A 7  ? 0.3222 0.6122 0.2986 -0.0011 0.0952  0.1011  18 LEU A O   
57  C CB  . LEU A 7  ? 0.3965 0.7035 0.3793 -0.0372 0.0902  0.1644  18 LEU A CB  
58  C CG  . LEU A 7  ? 0.5503 0.8878 0.5484 -0.0528 0.0954  0.1970  18 LEU A CG  
59  C CD1 . LEU A 7  ? 0.6281 0.9671 0.6051 -0.0591 0.0928  0.2162  18 LEU A CD1 
60  C CD2 . LEU A 7  ? 0.5607 0.9477 0.5676 -0.0449 0.1149  0.2000  18 LEU A CD2 
61  N N   . TYR A 8  ? 0.2954 0.5303 0.2775 -0.0208 0.0721  0.1096  19 TYR A N   
62  C CA  . TYR A 8  ? 0.3127 0.5245 0.2824 -0.0084 0.0679  0.0846  19 TYR A CA  
63  C C   . TYR A 8  ? 0.2971 0.5086 0.2805 -0.0013 0.0709  0.0683  19 TYR A C   
64  O O   . TYR A 8  ? 0.3032 0.5172 0.2778 0.0126  0.0743  0.0503  19 TYR A O   
65  C CB  . TYR A 8  ? 0.3243 0.4988 0.2929 -0.0150 0.0532  0.0822  19 TYR A CB  
66  C CG  . TYR A 8  ? 0.2847 0.4376 0.2436 -0.0039 0.0487  0.0593  19 TYR A CG  
67  C CD1 . TYR A 8  ? 0.3332 0.4816 0.2720 0.0033  0.0458  0.0537  19 TYR A CD1 
68  C CD2 . TYR A 8  ? 0.3226 0.4601 0.2935 -0.0012 0.0465  0.0447  19 TYR A CD2 
69  C CE1 . TYR A 8  ? 0.3613 0.4907 0.2956 0.0125  0.0402  0.0338  19 TYR A CE1 
70  C CE2 . TYR A 8  ? 0.3780 0.4979 0.3437 0.0072  0.0423  0.0265  19 TYR A CE2 
71  C CZ  . TYR A 8  ? 0.3562 0.4724 0.3053 0.0138  0.0389  0.0211  19 TYR A CZ  
72  O OH  . TYR A 8  ? 0.3394 0.4390 0.2875 0.0211  0.0335  0.0041  19 TYR A OH  
73  N N   . VAL A 9  ? 0.2625 0.4692 0.2672 -0.0111 0.0678  0.0749  20 VAL A N   
74  C CA  . VAL A 9  ? 0.3376 0.5425 0.3560 -0.0060 0.0691  0.0622  20 VAL A CA  
75  C C   . VAL A 9  ? 0.3624 0.6017 0.3825 0.0051  0.0815  0.0582  20 VAL A C   
76  O O   . VAL A 9  ? 0.3290 0.5663 0.3490 0.0169  0.0827  0.0403  20 VAL A O   
77  C CB  . VAL A 9  ? 0.3812 0.5769 0.4211 -0.0190 0.0624  0.0727  20 VAL A CB  
78  C CG1 . VAL A 9  ? 0.4462 0.6499 0.5014 -0.0140 0.0655  0.0640  20 VAL A CG1 
79  C CG2 . VAL A 9  ? 0.3401 0.4982 0.3769 -0.0250 0.0494  0.0688  20 VAL A CG2 
80  N N   . GLN A 10 ? 0.3649 0.6368 0.3876 0.0017  0.0904  0.0756  21 GLN A N   
81  C CA  . GLN A 10 ? 0.3511 0.6615 0.3754 0.0136  0.1040  0.0728  21 GLN A CA  
82  C C   . GLN A 10 ? 0.3536 0.6664 0.3516 0.0316  0.1075  0.0546  21 GLN A C   
83  O O   . GLN A 10 ? 0.3217 0.6442 0.3196 0.0469  0.1113  0.0372  21 GLN A O   
84  C CB  . GLN A 10 ? 0.4245 0.7720 0.4568 0.0047  0.1137  0.0986  21 GLN A CB  
85  C CG  . GLN A 10 ? 0.6260 1.0201 0.6609 0.0177  0.1300  0.0977  21 GLN A CG  
86  C CD  . GLN A 10 ? 0.7911 1.2252 0.8353 0.0073  0.1409  0.1264  21 GLN A CD  
87  O OE1 . GLN A 10 ? 0.8454 1.2695 0.8924 -0.0101 0.1346  0.1475  21 GLN A OE1 
88  N NE2 . GLN A 10 ? 0.8546 1.3353 0.9048 0.0183  0.1569  0.1276  21 GLN A NE2 
89  N N   . LYS A 11 ? 0.3965 0.6983 0.3726 0.0304  0.1042  0.0579  22 LYS A N   
90  C CA  . LYS A 11 ? 0.4354 0.7372 0.3850 0.0472  0.1050  0.0412  22 LYS A CA  
91  C C   . LYS A 11 ? 0.4489 0.7247 0.3989 0.0582  0.0964  0.0152  22 LYS A C   
92  O O   . LYS A 11 ? 0.4138 0.6983 0.3520 0.0756  0.0984  -0.0020 22 LYS A O   
93  C CB  . LYS A 11 ? 0.4937 0.7807 0.4223 0.0419  0.0989  0.0492  22 LYS A CB  
94  C CG  . LYS A 11 ? 0.5903 0.8739 0.4907 0.0592  0.0968  0.0314  22 LYS A CG  
95  C CD  . LYS A 11 ? 0.7250 0.9895 0.6062 0.0538  0.0881  0.0382  22 LYS A CD  
96  C CE  . LYS A 11 ? 0.8633 1.1404 0.7123 0.0704  0.0901  0.0291  22 LYS A CE  
97  N NZ  . LYS A 11 ? 0.9169 1.1971 0.7615 0.0902  0.0905  0.0030  22 LYS A NZ  
98  N N   . HIS A 12 ? 0.3781 0.6218 0.3412 0.0483  0.0863  0.0129  23 HIS A N   
99  C CA  . HIS A 12 ? 0.4101 0.6281 0.3747 0.0560  0.0777  -0.0080 23 HIS A CA  
100 C C   . HIS A 12 ? 0.3967 0.6135 0.3825 0.0563  0.0775  -0.0139 23 HIS A C   
101 O O   . HIS A 12 ? 0.3662 0.5586 0.3576 0.0576  0.0693  -0.0261 23 HIS A O   
102 C CB  . HIS A 12 ? 0.3821 0.5665 0.3445 0.0473  0.0668  -0.0085 23 HIS A CB  
103 C CG  . HIS A 12 ? 0.3965 0.5778 0.3383 0.0489  0.0639  -0.0060 23 HIS A CG  
104 N ND1 . HIS A 12 ? 0.3913 0.5717 0.3157 0.0629  0.0607  -0.0209 23 HIS A ND1 
105 C CD2 . HIS A 12 ? 0.4203 0.5982 0.3560 0.0385  0.0618  0.0097  23 HIS A CD2 
106 C CE1 . HIS A 12 ? 0.4804 0.6571 0.3876 0.0611  0.0574  -0.0144 23 HIS A CE1 
107 N NE2 . HIS A 12 ? 0.4086 0.5839 0.3227 0.0462  0.0581  0.0045  23 HIS A NE2 
108 N N   . ASN A 13 ? 0.3681 0.6119 0.3666 0.0546  0.0861  -0.0039 24 ASN A N   
109 C CA  . ASN A 13 ? 0.4266 0.6730 0.4447 0.0571  0.0858  -0.0100 24 ASN A CA  
110 C C   . ASN A 13 ? 0.4193 0.6336 0.4495 0.0456  0.0759  -0.0095 24 ASN A C   
111 O O   . ASN A 13 ? 0.3825 0.5865 0.4229 0.0494  0.0715  -0.0195 24 ASN A O   
112 C CB  . ASN A 13 ? 0.4031 0.6514 0.4153 0.0761  0.0841  -0.0319 24 ASN A CB  
113 C CG  . ASN A 13 ? 0.4785 0.7420 0.5097 0.0828  0.0863  -0.0373 24 ASN A CG  
114 O OD1 . ASN A 13 ? 0.3978 0.6855 0.4444 0.0771  0.0938  -0.0240 24 ASN A OD1 
115 N ND2 . ASN A 13 ? 0.4750 0.7241 0.5074 0.0946  0.0784  -0.0564 24 ASN A ND2 
116 N N   . ILE A 14 ? 0.3272 0.5256 0.3549 0.0323  0.0720  0.0022  25 ILE A N   
117 C CA  . ILE A 14 ? 0.3306 0.4984 0.3647 0.0233  0.0631  0.0015  25 ILE A CA  
118 C C   . ILE A 14 ? 0.3239 0.4929 0.3766 0.0183  0.0616  0.0055  25 ILE A C   
119 O O   . ILE A 14 ? 0.3244 0.4731 0.3812 0.0181  0.0555  -0.0021 25 ILE A O   
120 C CB  . ILE A 14 ? 0.3438 0.4964 0.3727 0.0115  0.0585  0.0129  25 ILE A CB  
121 C CG1 . ILE A 14 ? 0.3027 0.4524 0.3137 0.0160  0.0582  0.0095  25 ILE A CG1 
122 C CG2 . ILE A 14 ? 0.3629 0.4863 0.3963 0.0054  0.0501  0.0096  25 ILE A CG2 
123 C CD1 . ILE A 14 ? 0.2645 0.3959 0.2689 0.0244  0.0535  -0.0079 25 ILE A CD1 
124 N N   . GLN A 15 ? 0.3225 0.5163 0.3874 0.0140  0.0666  0.0185  26 GLN A N   
125 C CA  . GLN A 15 ? 0.4274 0.6225 0.5119 0.0087  0.0633  0.0230  26 GLN A CA  
126 C C   . GLN A 15 ? 0.3737 0.5690 0.4645 0.0198  0.0626  0.0083  26 GLN A C   
127 O O   . GLN A 15 ? 0.3696 0.5439 0.4658 0.0170  0.0548  0.0044  26 GLN A O   
128 C CB  . GLN A 15 ? 0.5071 0.7322 0.6078 0.0017  0.0686  0.0409  26 GLN A CB  
129 C CG  . GLN A 15 ? 0.5530 0.7750 0.6756 -0.0066 0.0616  0.0478  26 GLN A CG  
130 C CD  . GLN A 15 ? 0.6707 0.9122 0.8105 -0.0194 0.0619  0.0695  26 GLN A CD  
131 O OE1 . GLN A 15 ? 0.5938 0.8657 0.7351 -0.0194 0.0719  0.0802  26 GLN A OE1 
132 N NE2 . GLN A 15 ? 0.6872 0.9115 0.8405 -0.0303 0.0501  0.0767  26 GLN A NE2 
133 N N   . ALA A 16 ? 0.2505 0.4688 0.3394 0.0332  0.0697  -0.0002 27 ALA A N   
134 C CA  . ALA A 16 ? 0.3193 0.5368 0.4147 0.0453  0.0670  -0.0155 27 ALA A CA  
135 C C   . ALA A 16 ? 0.3022 0.4853 0.3877 0.0477  0.0576  -0.0285 27 ALA A C   
136 O O   . ALA A 16 ? 0.2612 0.4309 0.3551 0.0495  0.0506  -0.0349 27 ALA A O   
137 C CB  . ALA A 16 ? 0.3445 0.5939 0.4379 0.0615  0.0757  -0.0238 27 ALA A CB  
138 N N   . LEU A 17 ? 0.2881 0.4574 0.3569 0.0471  0.0568  -0.0314 28 LEU A N   
139 C CA  . LEU A 17 ? 0.3272 0.4676 0.3899 0.0487  0.0485  -0.0422 28 LEU A CA  
140 C C   . LEU A 17 ? 0.3435 0.4600 0.4107 0.0368  0.0426  -0.0360 28 LEU A C   
141 O O   . LEU A 17 ? 0.2963 0.3949 0.3665 0.0378  0.0360  -0.0422 28 LEU A O   
142 C CB  . LEU A 17 ? 0.3384 0.4713 0.3853 0.0503  0.0483  -0.0460 28 LEU A CB  
143 C CG  . LEU A 17 ? 0.3888 0.5386 0.4253 0.0643  0.0513  -0.0559 28 LEU A CG  
144 C CD1 . LEU A 17 ? 0.4691 0.6091 0.4897 0.0631  0.0496  -0.0565 28 LEU A CD1 
145 C CD2 . LEU A 17 ? 0.4296 0.5740 0.4702 0.0774  0.0444  -0.0726 28 LEU A CD2 
146 N N   . LEU A 18 ? 0.2510 0.3670 0.3180 0.0260  0.0442  -0.0234 29 LEU A N   
147 C CA  . LEU A 18 ? 0.3831 0.4776 0.4513 0.0165  0.0384  -0.0183 29 LEU A CA  
148 C C   . LEU A 18 ? 0.3328 0.4287 0.4139 0.0160  0.0345  -0.0169 29 LEU A C   
149 O O   . LEU A 18 ? 0.4111 0.4874 0.4912 0.0137  0.0285  -0.0189 29 LEU A O   
150 C CB  . LEU A 18 ? 0.4481 0.5405 0.5127 0.0067  0.0385  -0.0067 29 LEU A CB  
151 C CG  . LEU A 18 ? 0.5070 0.5940 0.5590 0.0067  0.0401  -0.0079 29 LEU A CG  
152 C CD1 . LEU A 18 ? 0.5139 0.5926 0.5631 -0.0027 0.0368  0.0024  29 LEU A CD1 
153 C CD2 . LEU A 18 ? 0.4714 0.5398 0.5169 0.0101  0.0375  -0.0181 29 LEU A CD2 
154 N N   . LYS A 19 ? 0.3171 0.4378 0.4104 0.0183  0.0383  -0.0128 30 LYS A N   
155 C CA  . LYS A 19 ? 0.3194 0.4456 0.4284 0.0195  0.0343  -0.0124 30 LYS A CA  
156 C C   . LYS A 19 ? 0.3097 0.4239 0.4189 0.0283  0.0291  -0.0250 30 LYS A C   
157 O O   . LYS A 19 ? 0.2847 0.3821 0.3972 0.0257  0.0212  -0.0251 30 LYS A O   
158 C CB  . LYS A 19 ? 0.3160 0.4777 0.4400 0.0237  0.0415  -0.0079 30 LYS A CB  
159 C CG  . LYS A 19 ? 0.3991 0.5714 0.5440 0.0259  0.0373  -0.0074 30 LYS A CG  
160 C CD  . LYS A 19 ? 0.6846 0.8509 0.8394 0.0127  0.0312  0.0062  30 LYS A CD  
161 C CE  . LYS A 19 ? 0.9193 1.0941 1.0961 0.0144  0.0249  0.0068  30 LYS A CE  
162 N NZ  . LYS A 19 ? 1.0338 1.2053 1.2226 0.0017  0.0175  0.0205  30 LYS A NZ  
163 N N   . ASP A 20 ? 0.2778 0.3999 0.3830 0.0391  0.0321  -0.0354 31 ASP A N   
164 C CA  . ASP A 20 ? 0.3124 0.4220 0.4195 0.0478  0.0250  -0.0477 31 ASP A CA  
165 C C   . ASP A 20 ? 0.2629 0.3410 0.3612 0.0408  0.0181  -0.0474 31 ASP A C   
166 O O   . ASP A 20 ? 0.2655 0.3284 0.3683 0.0417  0.0097  -0.0502 31 ASP A O   
167 C CB  . ASP A 20 ? 0.3375 0.4594 0.4402 0.0613  0.0276  -0.0600 31 ASP A CB  
168 C CG  . ASP A 20 ? 0.5550 0.7103 0.6679 0.0723  0.0340  -0.0631 31 ASP A CG  
169 O OD1 . ASP A 20 ? 0.5827 0.7524 0.7097 0.0680  0.0362  -0.0544 31 ASP A OD1 
170 O OD2 . ASP A 20 ? 0.6377 0.8062 0.7450 0.0857  0.0366  -0.0743 31 ASP A OD2 
171 N N   . SER A 21 ? 0.2709 0.3405 0.3571 0.0339  0.0215  -0.0431 32 SER A N   
172 C CA  . SER A 21 ? 0.2988 0.3435 0.3776 0.0280  0.0172  -0.0422 32 SER A CA  
173 C C   . SER A 21 ? 0.3735 0.4054 0.4524 0.0203  0.0131  -0.0344 32 SER A C   
174 O O   . SER A 21 ? 0.2797 0.2942 0.3567 0.0182  0.0074  -0.0341 32 SER A O   
175 C CB  . SER A 21 ? 0.2507 0.2922 0.3187 0.0238  0.0220  -0.0401 32 SER A CB  
176 O OG  . SER A 21 ? 0.3196 0.3604 0.3829 0.0158  0.0248  -0.0309 32 SER A OG  
177 N N   . ILE A 22 ? 0.2689 0.3092 0.3497 0.0159  0.0149  -0.0272 33 ILE A N   
178 C CA  . ILE A 22 ? 0.2756 0.3039 0.3560 0.0099  0.0088  -0.0211 33 ILE A CA  
179 C C   . ILE A 22 ? 0.2225 0.2493 0.3136 0.0143  0.0015  -0.0238 33 ILE A C   
180 O O   . ILE A 22 ? 0.2493 0.2577 0.3353 0.0113  -0.0054 -0.0215 33 ILE A O   
181 C CB  . ILE A 22 ? 0.3580 0.3949 0.4414 0.0042  0.0095  -0.0129 33 ILE A CB  
182 C CG1 . ILE A 22 ? 0.4077 0.4386 0.4789 -0.0006 0.0132  -0.0099 33 ILE A CG1 
183 C CG2 . ILE A 22 ? 0.3578 0.3823 0.4425 -0.0002 0.0004  -0.0082 33 ILE A CG2 
184 C CD1 . ILE A 22 ? 0.5057 0.5448 0.5818 -0.0066 0.0120  -0.0014 33 ILE A CD1 
185 N N   . VAL A 23 ? 0.2040 0.2507 0.3096 0.0223  0.0027  -0.0288 34 VAL A N   
186 C CA  . VAL A 23 ? 0.2242 0.2699 0.3423 0.0281  -0.0058 -0.0329 34 VAL A CA  
187 C C   . VAL A 23 ? 0.3285 0.3526 0.4414 0.0304  -0.0130 -0.0381 34 VAL A C   
188 O O   . VAL A 23 ? 0.2703 0.2795 0.3854 0.0293  -0.0226 -0.0364 34 VAL A O   
189 C CB  . VAL A 23 ? 0.2481 0.3219 0.3833 0.0389  -0.0025 -0.0393 34 VAL A CB  
190 C CG1 . VAL A 23 ? 0.2854 0.3548 0.4335 0.0470  -0.0130 -0.0462 34 VAL A CG1 
191 C CG2 . VAL A 23 ? 0.2796 0.3767 0.4256 0.0348  0.0030  -0.0306 34 VAL A CG2 
192 N N   . GLN A 24 ? 0.2684 0.2901 0.3752 0.0330  -0.0096 -0.0435 35 GLN A N   
193 C CA  A GLN A 24 ? 0.3017 0.3033 0.4069 0.0337  -0.0176 -0.0468 35 GLN A CA  
194 C CA  B GLN A 24 ? 0.2968 0.2982 0.4017 0.0336  -0.0174 -0.0468 35 GLN A CA  
195 C C   . GLN A 24 ? 0.2401 0.2207 0.3331 0.0226  -0.0190 -0.0365 35 GLN A C   
196 O O   . GLN A 24 ? 0.3401 0.3040 0.4337 0.0206  -0.0279 -0.0337 35 GLN A O   
197 C CB  A GLN A 24 ? 0.3012 0.3053 0.4050 0.0391  -0.0153 -0.0552 35 GLN A CB  
198 C CB  B GLN A 24 ? 0.3026 0.3069 0.4059 0.0388  -0.0149 -0.0550 35 GLN A CB  
199 C CG  A GLN A 24 ? 0.2730 0.2565 0.3796 0.0390  -0.0257 -0.0579 35 GLN A CG  
200 C CG  B GLN A 24 ? 0.2803 0.2987 0.3940 0.0533  -0.0182 -0.0683 35 GLN A CG  
201 C CD  A GLN A 24 ? 0.2888 0.2651 0.4083 0.0468  -0.0390 -0.0641 35 GLN A CD  
202 C CD  B GLN A 24 ? 0.3785 0.3970 0.4884 0.0597  -0.0183 -0.0778 35 GLN A CD  
203 O OE1 A GLN A 24 ? 0.3116 0.2888 0.4388 0.0575  -0.0461 -0.0762 35 GLN A OE1 
204 O OE1 B GLN A 24 ? 0.3515 0.3541 0.4570 0.0534  -0.0208 -0.0753 35 GLN A OE1 
205 N NE2 A GLN A 24 ? 0.2414 0.2091 0.3624 0.0422  -0.0442 -0.0567 35 GLN A NE2 
206 N NE2 B GLN A 24 ? 0.3523 0.3904 0.4644 0.0729  -0.0159 -0.0889 35 GLN A NE2 
207 N N   . LEU A 25 ? 0.2471 0.2294 0.3285 0.0160  -0.0107 -0.0306 36 LEU A N   
208 C CA  . LEU A 25 ? 0.3020 0.2685 0.3694 0.0076  -0.0105 -0.0220 36 LEU A CA  
209 C C   . LEU A 25 ? 0.3650 0.3208 0.4299 0.0053  -0.0187 -0.0167 36 LEU A C   
210 O O   . LEU A 25 ? 0.3836 0.3233 0.4408 0.0015  -0.0234 -0.0111 36 LEU A O   
211 C CB  . LEU A 25 ? 0.2758 0.2472 0.3324 0.0036  -0.0021 -0.0191 36 LEU A CB  
212 C CG  . LEU A 25 ? 0.3570 0.3305 0.4087 0.0024  0.0054  -0.0206 36 LEU A CG  
213 C CD1 . LEU A 25 ? 0.3935 0.3716 0.4369 -0.0001 0.0108  -0.0183 36 LEU A CD1 
214 C CD2 . LEU A 25 ? 0.2788 0.2391 0.3243 -0.0017 0.0054  -0.0163 36 LEU A CD2 
215 N N   . CYS A 26 ? 0.2754 0.2405 0.3469 0.0071  -0.0209 -0.0171 37 CYS A N   
216 C CA  . CYS A 26 ? 0.3411 0.2961 0.4121 0.0055  -0.0308 -0.0127 37 CYS A CA  
217 C C   . CYS A 26 ? 0.3065 0.2546 0.3885 0.0100  -0.0411 -0.0151 37 CYS A C   
218 O O   . CYS A 26 ? 0.3787 0.3101 0.4542 0.0073  -0.0503 -0.0098 37 CYS A O   
219 C CB  . CYS A 26 ? 0.3405 0.3093 0.4213 0.0058  -0.0317 -0.0120 37 CYS A CB  
220 S SG  . CYS A 26 ? 0.4791 0.4461 0.5453 -0.0009 -0.0264 -0.0069 37 CYS A SG  
221 N N   . THR A 27 ? 0.2726 0.2325 0.3702 0.0177  -0.0408 -0.0237 38 THR A N   
222 C CA  . THR A 27 ? 0.3276 0.2799 0.4374 0.0238  -0.0527 -0.0282 38 THR A CA  
223 C C   . THR A 27 ? 0.3427 0.2723 0.4441 0.0191  -0.0587 -0.0235 38 THR A C   
224 O O   . THR A 27 ? 0.3298 0.2425 0.4312 0.0174  -0.0706 -0.0186 38 THR A O   
225 C CB  . THR A 27 ? 0.3310 0.3021 0.4579 0.0357  -0.0514 -0.0409 38 THR A CB  
226 O OG1 . THR A 27 ? 0.3372 0.3331 0.4742 0.0396  -0.0454 -0.0428 38 THR A OG1 
227 C CG2 . THR A 27 ? 0.3168 0.2776 0.4569 0.0438  -0.0661 -0.0475 38 THR A CG2 
228 N N   . ALA A 28 ? 0.2812 0.2110 0.3765 0.0162  -0.0508 -0.0235 39 ALA A N   
229 C CA  . ALA A 28 ? 0.3583 0.2711 0.4507 0.0109  -0.0554 -0.0179 39 ALA A CA  
230 C C   . ALA A 28 ? 0.3473 0.2489 0.4207 0.0002  -0.0513 -0.0041 39 ALA A C   
231 O O   . ALA A 28 ? 0.3572 0.2437 0.4276 -0.0055 -0.0572 0.0048  39 ALA A O   
232 C CB  . ALA A 28 ? 0.2748 0.1941 0.3720 0.0128  -0.0499 -0.0241 39 ALA A CB  
233 N N   . ARG A 29 ? 0.3296 0.2391 0.3899 -0.0019 -0.0415 -0.0024 40 ARG A N   
234 C CA  . ARG A 29 ? 0.3492 0.2513 0.3884 -0.0092 -0.0356 0.0077  40 ARG A CA  
235 C C   . ARG A 29 ? 0.3561 0.2557 0.3930 -0.0146 -0.0298 0.0138  40 ARG A C   
236 O O   . ARG A 29 ? 0.3808 0.2691 0.4108 -0.0203 -0.0332 0.0247  40 ARG A O   
237 C CB  . ARG A 29 ? 0.3869 0.2737 0.4145 -0.0117 -0.0451 0.0157  40 ARG A CB  
238 C CG  . ARG A 29 ? 0.4633 0.3531 0.4949 -0.0073 -0.0516 0.0109  40 ARG A CG  
239 C CD  . ARG A 29 ? 0.5539 0.4266 0.5732 -0.0095 -0.0632 0.0185  40 ARG A CD  
240 N NE  . ARG A 29 ? 0.6069 0.4722 0.5985 -0.0139 -0.0576 0.0260  40 ARG A NE  
241 C CZ  . ARG A 29 ? 0.5664 0.4338 0.5458 -0.0128 -0.0552 0.0234  40 ARG A CZ  
242 N NH1 . ARG A 29 ? 0.5956 0.4733 0.5904 -0.0096 -0.0576 0.0162  40 ARG A NH1 
243 N NH2 . ARG A 29 ? 0.6662 0.5263 0.6187 -0.0146 -0.0508 0.0284  40 ARG A NH2 
244 N N   . PRO A 30 ? 0.3722 0.2836 0.4158 -0.0132 -0.0215 0.0079  41 PRO A N   
245 C CA  . PRO A 30 ? 0.3833 0.2952 0.4288 -0.0185 -0.0161 0.0136  41 PRO A CA  
246 C C   . PRO A 30 ? 0.4457 0.3562 0.4723 -0.0245 -0.0077 0.0250  41 PRO A C   
247 O O   . PRO A 30 ? 0.4150 0.3281 0.4251 -0.0226 -0.0020 0.0236  41 PRO A O   
248 C CB  . PRO A 30 ? 0.3376 0.2634 0.3888 -0.0146 -0.0082 0.0040  41 PRO A CB  
249 C CG  . PRO A 30 ? 0.2610 0.1922 0.3207 -0.0068 -0.0131 -0.0068 41 PRO A CG  
250 C CD  . PRO A 30 ? 0.2491 0.1745 0.3013 -0.0066 -0.0181 -0.0036 41 PRO A CD  
251 N N   . GLU A 31 ? 0.3892 0.2957 0.4184 -0.0313 -0.0076 0.0363  42 GLU A N   
252 C CA  . GLU A 31 ? 0.4037 0.3155 0.4173 -0.0361 0.0038  0.0471  42 GLU A CA  
253 C C   . GLU A 31 ? 0.4174 0.3446 0.4333 -0.0335 0.0157  0.0402  42 GLU A C   
254 O O   . GLU A 31 ? 0.4010 0.3355 0.4011 -0.0327 0.0264  0.0426  42 GLU A O   
255 C CB  . GLU A 31 ? 0.4296 0.3384 0.4516 -0.0452 0.0018  0.0626  42 GLU A CB  
256 C CG  . GLU A 31 ? 0.5142 0.4058 0.5335 -0.0490 -0.0114 0.0723  42 GLU A CG  
257 C CD  . GLU A 31 ? 0.6737 0.5620 0.7042 -0.0598 -0.0146 0.0902  42 GLU A CD  
258 O OE1 . GLU A 31 ? 0.6663 0.5675 0.7084 -0.0646 -0.0057 0.0952  42 GLU A OE1 
259 O OE2 . GLU A 31 ? 0.7696 0.6421 0.7989 -0.0641 -0.0269 0.1001  42 GLU A OE2 
260 N N   . ARG A 32 ? 0.3355 0.2669 0.3703 -0.0310 0.0130  0.0309  43 ARG A N   
261 C CA  . ARG A 32 ? 0.3039 0.2483 0.3434 -0.0286 0.0219  0.0244  43 ARG A CA  
262 C C   . ARG A 32 ? 0.3026 0.2495 0.3452 -0.0216 0.0192  0.0108  43 ARG A C   
263 O O   . ARG A 32 ? 0.2823 0.2306 0.3402 -0.0194 0.0141  0.0041  43 ARG A O   
264 C CB  . ARG A 32 ? 0.3388 0.2876 0.3993 -0.0337 0.0212  0.0288  43 ARG A CB  
265 C CG  . ARG A 32 ? 0.3965 0.3470 0.4572 -0.0423 0.0254  0.0455  43 ARG A CG  
266 C CD  . ARG A 32 ? 0.3809 0.3341 0.4681 -0.0490 0.0210  0.0516  43 ARG A CD  
267 N NE  . ARG A 32 ? 0.4325 0.3881 0.5222 -0.0589 0.0240  0.0709  43 ARG A NE  
268 C CZ  . ARG A 32 ? 0.4785 0.4379 0.5927 -0.0677 0.0207  0.0818  43 ARG A CZ  
269 N NH1 . ARG A 32 ? 0.4021 0.3609 0.5397 -0.0669 0.0127  0.0733  43 ARG A NH1 
270 N NH2 . ARG A 32 ? 0.4974 0.4612 0.6124 -0.0776 0.0247  0.1020  43 ARG A NH2 
271 N N   . PRO A 33 ? 0.3148 0.2624 0.3423 -0.0180 0.0219  0.0070  44 PRO A N   
272 C CA  . PRO A 33 ? 0.2897 0.2415 0.3199 -0.0128 0.0198  -0.0026 44 PRO A CA  
273 C C   . PRO A 33 ? 0.2817 0.2435 0.3186 -0.0105 0.0248  -0.0089 44 PRO A C   
274 O O   . PRO A 33 ? 0.3032 0.2698 0.3480 -0.0067 0.0218  -0.0158 44 PRO A O   
275 C CB  . PRO A 33 ? 0.3161 0.2650 0.3294 -0.0117 0.0209  -0.0020 44 PRO A CB  
276 C CG  . PRO A 33 ? 0.3696 0.3109 0.3686 -0.0147 0.0223  0.0064  44 PRO A CG  
277 C CD  . PRO A 33 ? 0.3415 0.2855 0.3485 -0.0189 0.0261  0.0127  44 PRO A CD  
278 N N   . MET A 34 ? 0.3074 0.2731 0.3401 -0.0120 0.0322  -0.0065 45 MET A N   
279 C CA  . MET A 34 ? 0.3234 0.2975 0.3629 -0.0099 0.0356  -0.0120 45 MET A CA  
280 C C   . MET A 34 ? 0.2460 0.2217 0.3033 -0.0104 0.0311  -0.0142 45 MET A C   
281 O O   . MET A 34 ? 0.2796 0.2591 0.3420 -0.0065 0.0285  -0.0217 45 MET A O   
282 C CB  . MET A 34 ? 0.2849 0.2639 0.3180 -0.0101 0.0438  -0.0097 45 MET A CB  
283 C CG  . MET A 34 ? 0.3490 0.3238 0.3628 -0.0076 0.0458  -0.0100 45 MET A CG  
284 S SD  . MET A 34 ? 0.4759 0.4483 0.4854 -0.0045 0.0404  -0.0165 45 MET A SD  
285 C CE  . MET A 34 ? 0.4225 0.3872 0.4280 -0.0061 0.0335  -0.0134 45 MET A CE  
286 N N   . ALA A 35 ? 0.2928 0.2646 0.3591 -0.0152 0.0287  -0.0075 46 ALA A N   
287 C CA  . ALA A 35 ? 0.2814 0.2506 0.3662 -0.0159 0.0204  -0.0097 46 ALA A CA  
288 C C   . ALA A 35 ? 0.3083 0.2730 0.3944 -0.0096 0.0114  -0.0189 46 ALA A C   
289 O O   . ALA A 35 ? 0.2914 0.2577 0.3855 -0.0048 0.0061  -0.0276 46 ALA A O   
290 C CB  . ALA A 35 ? 0.2678 0.2317 0.3630 -0.0236 0.0172  0.0018  46 ALA A CB  
291 N N   . PHE A 36 ? 0.3471 0.3072 0.4250 -0.0086 0.0095  -0.0176 47 PHE A N   
292 C CA  . PHE A 36 ? 0.3031 0.2628 0.3836 -0.0014 0.0024  -0.0263 47 PHE A CA  
293 C C   . PHE A 36 ? 0.2800 0.2515 0.3563 0.0050  0.0065  -0.0350 47 PHE A C   
294 O O   . PHE A 36 ? 0.2612 0.2357 0.3432 0.0120  0.0013  -0.0441 47 PHE A O   
295 C CB  . PHE A 36 ? 0.2943 0.2499 0.3679 -0.0015 0.0005  -0.0229 47 PHE A CB  
296 C CG  . PHE A 36 ? 0.3658 0.3270 0.4434 0.0070  -0.0042 -0.0321 47 PHE A CG  
297 C CD1 . PHE A 36 ? 0.4943 0.4499 0.5837 0.0124  -0.0151 -0.0383 47 PHE A CD1 
298 C CD2 . PHE A 36 ? 0.3469 0.3203 0.4182 0.0101  0.0019  -0.0345 47 PHE A CD2 
299 C CE1 . PHE A 36 ? 0.4916 0.4560 0.5851 0.0223  -0.0182 -0.0479 47 PHE A CE1 
300 C CE2 . PHE A 36 ? 0.3868 0.3704 0.4636 0.0180  -0.0004 -0.0418 47 PHE A CE2 
301 C CZ  . PHE A 36 ? 0.4505 0.4309 0.5378 0.0250  -0.0096 -0.0492 47 PHE A CZ  
302 N N   . LEU A 37 ? 0.1966 0.1740 0.2619 0.0032  0.0148  -0.0321 48 LEU A N   
303 C CA  . LEU A 37 ? 0.3100 0.2980 0.3708 0.0075  0.0184  -0.0372 48 LEU A CA  
304 C C   . LEU A 37 ? 0.2725 0.2634 0.3379 0.0098  0.0177  -0.0424 48 LEU A C   
305 O O   . LEU A 37 ? 0.2733 0.2713 0.3373 0.0159  0.0164  -0.0492 48 LEU A O   
306 C CB  . LEU A 37 ? 0.2303 0.2204 0.2802 0.0041  0.0246  -0.0320 48 LEU A CB  
307 C CG  . LEU A 37 ? 0.2623 0.2506 0.3080 0.0028  0.0232  -0.0281 48 LEU A CG  
308 C CD1 . LEU A 37 ? 0.2540 0.2392 0.2889 -0.0007 0.0261  -0.0234 48 LEU A CD1 
309 C CD2 . LEU A 37 ? 0.2327 0.2325 0.2832 0.0076  0.0218  -0.0316 48 LEU A CD2 
310 N N   . ARG A 38 ? 0.2603 0.2465 0.3309 0.0052  0.0184  -0.0391 49 ARG A N   
311 C CA  . ARG A 38 ? 0.2700 0.2579 0.3480 0.0071  0.0155  -0.0441 49 ARG A CA  
312 C C   . ARG A 38 ? 0.2800 0.2643 0.3663 0.0130  0.0051  -0.0524 49 ARG A C   
313 O O   . ARG A 38 ? 0.2891 0.2774 0.3730 0.0196  0.0017  -0.0608 49 ARG A O   
314 C CB  . ARG A 38 ? 0.3082 0.2948 0.3956 0.0009  0.0179  -0.0379 49 ARG A CB  
315 C CG  . ARG A 38 ? 0.3189 0.3084 0.4154 0.0022  0.0150  -0.0423 49 ARG A CG  
316 C CD  . ARG A 38 ? 0.3079 0.2911 0.4205 0.0027  0.0035  -0.0459 49 ARG A CD  
317 N NE  . ARG A 38 ? 0.3399 0.3178 0.4641 -0.0046 0.0020  -0.0369 49 ARG A NE  
318 C CZ  . ARG A 38 ? 0.3419 0.3100 0.4785 -0.0050 -0.0099 -0.0379 49 ARG A CZ  
319 N NH1 . ARG A 38 ? 0.3071 0.2700 0.4449 0.0031  -0.0211 -0.0501 49 ARG A NH1 
320 N NH2 . ARG A 38 ? 0.3562 0.3195 0.5029 -0.0133 -0.0113 -0.0269 49 ARG A NH2 
321 N N   . GLU A 39 ? 0.2699 0.2456 0.3644 0.0113  -0.0013 -0.0506 50 GLU A N   
322 C CA  . GLU A 39 ? 0.2927 0.2619 0.3962 0.0179  -0.0140 -0.0596 50 GLU A CA  
323 C C   . GLU A 39 ? 0.3084 0.2853 0.4023 0.0289  -0.0144 -0.0696 50 GLU A C   
324 O O   . GLU A 39 ? 0.2936 0.2709 0.3880 0.0384  -0.0221 -0.0812 50 GLU A O   
325 C CB  . GLU A 39 ? 0.2324 0.1887 0.3479 0.0128  -0.0223 -0.0539 50 GLU A CB  
326 C CG  . GLU A 39 ? 0.3251 0.2717 0.4495 0.0211  -0.0380 -0.0645 50 GLU A CG  
327 C CD  . GLU A 39 ? 0.4095 0.3493 0.5458 0.0236  -0.0498 -0.0717 50 GLU A CD  
328 O OE1 . GLU A 39 ? 0.4656 0.4081 0.6073 0.0168  -0.0462 -0.0661 50 GLU A OE1 
329 O OE2 . GLU A 39 ? 0.4904 0.4218 0.6313 0.0332  -0.0641 -0.0839 50 GLU A OE2 
330 N N   . TYR A 40 ? 0.2946 0.2792 0.3800 0.0282  -0.0063 -0.0652 51 TYR A N   
331 C CA  . TYR A 40 ? 0.2670 0.2641 0.3458 0.0375  -0.0043 -0.0720 51 TYR A CA  
332 C C   . TYR A 40 ? 0.2515 0.2603 0.3211 0.0435  -0.0005 -0.0778 51 TYR A C   
333 O O   . TYR A 40 ? 0.2873 0.3029 0.3539 0.0548  -0.0044 -0.0884 51 TYR A O   
334 C CB  . TYR A 40 ? 0.2734 0.2773 0.3474 0.0330  0.0037  -0.0635 51 TYR A CB  
335 C CG  . TYR A 40 ? 0.3200 0.3411 0.3916 0.0408  0.0072  -0.0674 51 TYR A CG  
336 C CD1 . TYR A 40 ? 0.3278 0.3509 0.4071 0.0477  0.0019  -0.0725 51 TYR A CD1 
337 C CD2 . TYR A 40 ? 0.3654 0.4022 0.4285 0.0412  0.0156  -0.0648 51 TYR A CD2 
338 C CE1 . TYR A 40 ? 0.4191 0.4627 0.4989 0.0554  0.0064  -0.0755 51 TYR A CE1 
339 C CE2 . TYR A 40 ? 0.3837 0.4404 0.4468 0.0473  0.0203  -0.0657 51 TYR A CE2 
340 C CZ  . TYR A 40 ? 0.3975 0.4592 0.4693 0.0547  0.0164  -0.0712 51 TYR A CZ  
341 O OH  . TYR A 40 ? 0.4243 0.5101 0.4987 0.0613  0.0223  -0.0717 51 TYR A OH  
342 N N   . PHE A 41 ? 0.2698 0.2805 0.3335 0.0369  0.0062  -0.0710 52 PHE A N   
343 C CA  . PHE A 41 ? 0.3567 0.3764 0.4106 0.0412  0.0086  -0.0744 52 PHE A CA  
344 C C   . PHE A 41 ? 0.3110 0.3230 0.3681 0.0457  -0.0006 -0.0832 52 PHE A C   
345 O O   . PHE A 41 ? 0.3824 0.4011 0.4296 0.0538  -0.0023 -0.0903 52 PHE A O   
346 C CB  . PHE A 41 ? 0.3296 0.3521 0.3775 0.0330  0.0165  -0.0646 52 PHE A CB  
347 C CG  . PHE A 41 ? 0.3775 0.4088 0.4211 0.0300  0.0233  -0.0571 52 PHE A CG  
348 C CD1 . PHE A 41 ? 0.4081 0.4557 0.4454 0.0353  0.0269  -0.0574 52 PHE A CD1 
349 C CD2 . PHE A 41 ? 0.3663 0.3905 0.4126 0.0224  0.0253  -0.0496 52 PHE A CD2 
350 C CE1 . PHE A 41 ? 0.3986 0.4557 0.4364 0.0315  0.0320  -0.0491 52 PHE A CE1 
351 C CE2 . PHE A 41 ? 0.4808 0.5116 0.5252 0.0196  0.0288  -0.0431 52 PHE A CE2 
352 C CZ  . PHE A 41 ? 0.4509 0.4982 0.4929 0.0234  0.0318  -0.0424 52 PHE A CZ  
353 N N   . GLU A 42 ? 0.3995 0.3979 0.4703 0.0405  -0.0073 -0.0822 53 GLU A N   
354 C CA  . GLU A 42 ? 0.3512 0.3411 0.4292 0.0439  -0.0187 -0.0900 53 GLU A CA  
355 C C   . GLU A 42 ? 0.3910 0.3799 0.4652 0.0574  -0.0289 -0.1043 53 GLU A C   
356 O O   . GLU A 42 ? 0.3752 0.3630 0.4441 0.0652  -0.0364 -0.1138 53 GLU A O   
357 C CB  . GLU A 42 ? 0.3621 0.3395 0.4597 0.0347  -0.0246 -0.0841 53 GLU A CB  
358 C CG  . GLU A 42 ? 0.4977 0.4668 0.6074 0.0361  -0.0374 -0.0902 53 GLU A CG  
359 C CD  . GLU A 42 ? 0.4635 0.4288 0.5926 0.0241  -0.0373 -0.0795 53 GLU A CD  
360 O OE1 . GLU A 42 ? 0.3719 0.3436 0.4997 0.0162  -0.0248 -0.0685 53 GLU A OE1 
361 O OE2 . GLU A 42 ? 0.6232 0.5803 0.7693 0.0229  -0.0503 -0.0822 53 GLU A OE2 
362 N N   . LYS A 43 ? 0.4410 0.4304 0.5170 0.0616  -0.0301 -0.1068 54 LYS A N   
363 C CA  . LYS A 43 ? 0.4730 0.4631 0.5451 0.0769  -0.0396 -0.1221 54 LYS A CA  
364 C C   . LYS A 43 ? 0.4686 0.4785 0.5203 0.0876  -0.0311 -0.1278 54 LYS A C   
365 O O   . LYS A 43 ? 0.4838 0.4954 0.5264 0.1016  -0.0388 -0.1418 54 LYS A O   
366 C CB  . LYS A 43 ? 0.5607 0.5470 0.6419 0.0795  -0.0436 -0.1235 54 LYS A CB  
367 C CG  . LYS A 43 ? 0.7096 0.6737 0.8105 0.0717  -0.0572 -0.1203 54 LYS A CG  
368 C CD  . LYS A 43 ? 0.7449 0.6945 0.8531 0.0760  -0.0741 -0.1301 54 LYS A CD  
369 C CE  . LYS A 43 ? 0.7523 0.6806 0.8836 0.0664  -0.0887 -0.1242 54 LYS A CE  
370 N NZ  . LYS A 43 ? 0.7482 0.6750 0.8900 0.0497  -0.0829 -0.1084 54 LYS A NZ  
371 N N   . LEU A 44 ? 0.4029 0.4277 0.4468 0.0811  -0.0160 -0.1162 55 LEU A N   
372 C CA  . LEU A 44 ? 0.3841 0.4293 0.4100 0.0878  -0.0067 -0.1165 55 LEU A CA  
373 C C   . LEU A 44 ? 0.3860 0.4282 0.4012 0.0872  -0.0089 -0.1169 55 LEU A C   
374 O O   . LEU A 44 ? 0.4299 0.4835 0.4279 0.0975  -0.0080 -0.1228 55 LEU A O   
375 C CB  . LEU A 44 ? 0.3277 0.3872 0.3525 0.0788  0.0073  -0.1020 55 LEU A CB  
376 C CG  . LEU A 44 ? 0.3901 0.4574 0.4240 0.0813  0.0099  -0.1018 55 LEU A CG  
377 C CD1 . LEU A 44 ? 0.4196 0.4950 0.4562 0.0695  0.0203  -0.0864 55 LEU A CD1 
378 C CD2 . LEU A 44 ? 0.4386 0.5254 0.4652 0.0980  0.0111  -0.1130 55 LEU A CD2 
379 N N   . GLU A 45 ? 0.3219 0.3500 0.3469 0.0758  -0.0117 -0.1104 56 GLU A N   
380 C CA  . GLU A 45 ? 0.2925 0.3158 0.3114 0.0751  -0.0160 -0.1113 56 GLU A CA  
381 C C   . GLU A 45 ? 0.3927 0.4082 0.4081 0.0878  -0.0306 -0.1273 56 GLU A C   
382 O O   . GLU A 45 ? 0.3660 0.3837 0.3665 0.0946  -0.0344 -0.1324 56 GLU A O   
383 C CB  . GLU A 45 ? 0.3098 0.3212 0.3451 0.0620  -0.0170 -0.1028 56 GLU A CB  
384 C CG  . GLU A 45 ? 0.3325 0.3379 0.3672 0.0614  -0.0236 -0.1045 56 GLU A CG  
385 C CD  . GLU A 45 ? 0.4433 0.4403 0.4984 0.0499  -0.0243 -0.0972 56 GLU A CD  
386 O OE1 . GLU A 45 ? 0.3878 0.3809 0.4572 0.0438  -0.0225 -0.0928 56 GLU A OE1 
387 O OE2 . GLU A 45 ? 0.3693 0.3649 0.4262 0.0477  -0.0264 -0.0957 56 GLU A OE2 
388 N N   . LYS A 46 ? 0.4103 0.4148 0.4390 0.0914  -0.0408 -0.1353 57 LYS A N   
389 C CA  . LYS A 46 ? 0.5281 0.5210 0.5560 0.1039  -0.0584 -0.1520 57 LYS A CA  
390 C C   . LYS A 46 ? 0.5095 0.5169 0.5119 0.1221  -0.0570 -0.1643 57 LYS A C   
391 O O   . LYS A 46 ? 0.5142 0.5172 0.5035 0.1325  -0.0674 -0.1755 57 LYS A O   
392 C CB  . LYS A 46 ? 0.6061 0.5831 0.6549 0.1036  -0.0709 -0.1568 57 LYS A CB  
393 C CG  . LYS A 46 ? 0.8068 0.7629 0.8676 0.1072  -0.0931 -0.1676 57 LYS A CG  
394 C CD  . LYS A 46 ? 0.9575 0.8966 1.0386 0.1075  -0.1078 -0.1721 57 LYS A CD  
395 C CE  . LYS A 46 ? 1.0362 0.9532 1.1306 0.1113  -0.1330 -0.1831 57 LYS A CE  
396 N NZ  . LYS A 46 ? 1.0858 0.9838 1.1989 0.1137  -0.1512 -0.1891 57 LYS A NZ  
397 N N   . GLU A 47 ? 0.5484 0.5746 0.5433 0.1263  -0.0441 -0.1618 58 GLU A N   
398 C CA  . GLU A 47 ? 0.6262 0.6722 0.5974 0.1439  -0.0397 -0.1718 58 GLU A CA  
399 C C   . GLU A 47 ? 0.6526 0.7119 0.6022 0.1422  -0.0305 -0.1637 58 GLU A C   
400 O O   . GLU A 47 ? 0.7285 0.7960 0.6553 0.1566  -0.0332 -0.1736 58 GLU A O   
401 C CB  . GLU A 47 ? 0.7229 0.7893 0.6964 0.1476  -0.0273 -0.1691 58 GLU A CB  
402 C CG  . GLU A 47 ? 0.9558 1.0096 0.9476 0.1527  -0.0384 -0.1792 58 GLU A CG  
403 C CD  . GLU A 47 ? 1.1709 1.2131 1.1562 0.1723  -0.0569 -0.2021 58 GLU A CD  
404 O OE1 . GLU A 47 ? 1.2058 1.2623 1.1674 0.1882  -0.0553 -0.2128 58 GLU A OE1 
405 O OE2 . GLU A 47 ? 1.2681 1.2864 1.2716 0.1719  -0.0739 -0.2094 58 GLU A OE2 
406 N N   . GLU A 48 ? 0.5596 0.6199 0.5161 0.1251  -0.0208 -0.1458 59 GLU A N   
407 C CA  . GLU A 48 ? 0.5513 0.6209 0.4910 0.1206  -0.0136 -0.1353 59 GLU A CA  
408 C C   . GLU A 48 ? 0.6016 0.6571 0.5303 0.1261  -0.0275 -0.1441 59 GLU A C   
409 O O   . GLU A 48 ? 0.6386 0.7043 0.5434 0.1326  -0.0255 -0.1436 59 GLU A O   
410 C CB  . GLU A 48 ? 0.5163 0.5828 0.4701 0.1016  -0.0054 -0.1173 59 GLU A CB  
411 C CG  . GLU A 48 ? 0.5547 0.6271 0.4955 0.0948  0.0002  -0.1047 59 GLU A CG  
412 C CD  . GLU A 48 ? 0.5328 0.6012 0.4880 0.0783  0.0069  -0.0893 59 GLU A CD  
413 O OE1 . GLU A 48 ? 0.3701 0.4215 0.3400 0.0710  0.0009  -0.0893 59 GLU A OE1 
414 O OE2 . GLU A 48 ? 0.4093 0.4925 0.3620 0.0731  0.0177  -0.0772 59 GLU A OE2 
415 N N   . ALA A 49 ? 0.6034 0.6362 0.5503 0.1230  -0.0421 -0.1510 60 ALA A N   
416 C CA  . ALA A 49 ? 0.6555 0.6733 0.5973 0.1273  -0.0578 -0.1594 60 ALA A CA  
417 C C   . ALA A 49 ? 0.7326 0.7443 0.6618 0.1466  -0.0733 -0.1805 60 ALA A C   
418 O O   . ALA A 49 ? 0.7661 0.7663 0.6857 0.1534  -0.0878 -0.1896 60 ALA A O   
419 C CB  . ALA A 49 ? 0.6587 0.6577 0.6295 0.1138  -0.0664 -0.1551 60 ALA A CB  
420 N N   . LYS A 50 ? 0.7824 0.8005 0.7117 0.1563  -0.0713 -0.1891 61 LYS A N   
421 C CA  . LYS A 50 ? 0.8890 0.8996 0.8079 0.1766  -0.0878 -0.2114 61 LYS A CA  
422 C C   . LYS A 50 ? 0.9663 0.9857 0.8495 0.1924  -0.0901 -0.2204 61 LYS A C   
423 O O   . LYS A 50 ? 0.9947 1.0330 0.8593 0.1888  -0.0748 -0.2077 61 LYS A O   
424 C CB  . LYS A 50 ? 0.9529 0.9746 0.8744 0.1863  -0.0822 -0.2185 61 LYS A CB  
425 C CG  . LYS A 50 ? 1.1055 1.1243 1.0105 0.2113  -0.0970 -0.2434 61 LYS A CG  
426 C CD  . LYS A 50 ? 1.1902 1.2238 1.0986 0.2222  -0.0902 -0.2502 61 LYS A CD  
427 C CE  . LYS A 50 ? 1.2922 1.3247 1.1812 0.2505  -0.1047 -0.2773 61 LYS A CE  
428 N NZ  . LYS A 50 ? 1.3246 1.3705 1.2202 0.2631  -0.1003 -0.2863 61 LYS A NZ  
# 
